data_1RK2
#
_entry.id   1RK2
#
_cell.length_a   55.201
_cell.length_b   62.492
_cell.length_c   337.800
_cell.angle_alpha   90.00
_cell.angle_beta   90.00
_cell.angle_gamma   90.00
#
_symmetry.space_group_name_H-M   'P 21 21 21'
#
loop_
_entity.id
_entity.type
_entity.pdbx_description
1 polymer RIBOKINASE
2 non-polymer alpha-D-ribofuranose
3 non-polymer 'TETRAFLUOROALUMINATE ION'
4 non-polymer 'MAGNESIUM ION'
5 non-polymer "ADENOSINE-5'-DIPHOSPHATE"
6 water water
#
_entity_poly.entity_id   1
_entity_poly.type   'polypeptide(L)'
_entity_poly.pdbx_seq_one_letter_code
;MQNAGSLVVLGSINADHILNLQSFPTPGETVTGNHYQVAFGGKGANQAVAAGRSGANIAFIACTGDDSIGESVRQQLATD
NIDITPVSVIKGESTGVALIFVNGEGENVIGIHAGANAALSPALVEAQRERIANASALLMQLESPLESVMAAAKIAHQNK
TIVALNPAPARELPDELLALVDIITPNETEAEKLTGIRVENDEDAAKAAQVLHEKGIRTVLITLGSRGVWASVNGEGQRV
PGFRVQAVDTIAAGDTFNGALITALLEEKPLPEAIRFAHAAAAIAVTRKGAQPSVPWREEIDAFLDRQR
;
_entity_poly.pdbx_strand_id   A,B,C,D
#
loop_
_chem_comp.id
_chem_comp.type
_chem_comp.name
_chem_comp.formula
ADP non-polymer ADENOSINE-5'-DIPHOSPHATE 'C10 H15 N5 O10 P2'
ALF non-polymer 'TETRAFLUOROALUMINATE ION' 'Al F4 -1'
MG non-polymer 'MAGNESIUM ION' 'Mg 2'
RIB D-saccharide, alpha linking alpha-D-ribofuranose 'C5 H10 O5'
#
# COMPACT_ATOMS: atom_id res chain seq x y z
N ALA A 4 0.28 54.55 61.77
CA ALA A 4 0.25 55.00 60.34
C ALA A 4 -1.21 55.05 59.89
N GLY A 5 -1.47 55.78 58.81
CA GLY A 5 -2.83 55.91 58.30
C GLY A 5 -3.30 54.64 57.62
N SER A 6 -4.57 54.60 57.22
CA SER A 6 -5.09 53.41 56.59
C SER A 6 -5.02 53.51 55.06
N LEU A 7 -4.73 52.38 54.44
CA LEU A 7 -4.63 52.29 52.99
C LEU A 7 -5.73 51.44 52.40
N VAL A 8 -6.29 51.90 51.30
CA VAL A 8 -7.32 51.16 50.59
C VAL A 8 -6.82 50.94 49.17
N VAL A 9 -6.74 49.68 48.76
CA VAL A 9 -6.31 49.33 47.42
C VAL A 9 -7.56 48.86 46.71
N LEU A 10 -7.80 49.39 45.53
CA LEU A 10 -8.94 49.01 44.72
C LEU A 10 -8.38 48.54 43.39
N GLY A 11 -8.62 47.27 43.07
CA GLY A 11 -8.10 46.73 41.83
C GLY A 11 -8.46 45.29 41.55
N SER A 12 -7.78 44.74 40.56
CA SER A 12 -7.99 43.38 40.07
C SER A 12 -7.37 42.22 40.82
N ILE A 13 -7.93 41.04 40.57
CA ILE A 13 -7.45 39.78 41.12
C ILE A 13 -7.40 38.81 39.93
N ASN A 14 -6.22 38.26 39.68
CA ASN A 14 -5.99 37.32 38.58
C ASN A 14 -5.31 36.04 39.05
N ALA A 15 -5.56 34.98 38.29
CA ALA A 15 -4.91 33.69 38.50
C ALA A 15 -3.91 33.71 37.33
N ASP A 16 -2.61 33.76 37.63
CA ASP A 16 -1.59 33.78 36.59
C ASP A 16 -1.10 32.40 36.14
N HIS A 17 -1.02 32.24 34.83
CA HIS A 17 -0.54 31.04 34.16
C HIS A 17 0.70 31.53 33.43
N ILE A 18 1.87 31.15 33.93
CA ILE A 18 3.13 31.61 33.39
C ILE A 18 3.99 30.56 32.70
N LEU A 19 4.34 30.83 31.45
CA LEU A 19 5.15 29.89 30.68
C LEU A 19 6.45 30.54 30.24
N ASN A 20 7.57 30.04 30.75
CA ASN A 20 8.87 30.57 30.37
C ASN A 20 9.27 29.86 29.11
N LEU A 21 9.65 30.62 28.10
CA LEU A 21 10.05 30.07 26.83
C LEU A 21 11.24 30.80 26.26
N GLN A 22 11.79 30.32 25.14
CA GLN A 22 12.94 30.97 24.54
C GLN A 22 12.51 32.23 23.81
N SER A 23 11.64 32.06 22.82
CA SER A 23 11.18 33.19 22.03
C SER A 23 9.67 33.21 21.92
N PHE A 24 9.11 34.39 21.74
CA PHE A 24 7.68 34.53 21.57
C PHE A 24 7.31 33.88 20.24
N PRO A 25 6.30 33.01 20.26
CA PRO A 25 5.79 32.30 19.08
C PRO A 25 5.07 33.19 18.05
N THR A 26 5.72 33.43 16.91
CA THR A 26 5.10 34.26 15.88
C THR A 26 3.75 33.62 15.51
N PRO A 27 2.91 34.32 14.74
CA PRO A 27 1.60 33.78 14.35
C PRO A 27 1.61 32.36 13.79
N GLY A 28 0.45 31.69 13.88
CA GLY A 28 0.33 30.34 13.38
C GLY A 28 1.39 29.37 13.89
N GLU A 29 2.27 29.84 14.77
CA GLU A 29 3.33 29.02 15.34
C GLU A 29 3.06 28.49 16.75
N THR A 30 3.90 27.53 17.17
CA THR A 30 3.81 26.89 18.49
C THR A 30 5.20 26.79 19.10
N VAL A 31 5.30 27.06 20.39
CA VAL A 31 6.57 26.99 21.09
C VAL A 31 6.41 26.18 22.38
N THR A 32 7.47 25.51 22.77
CA THR A 32 7.47 24.70 23.98
C THR A 32 8.34 25.40 25.01
N GLY A 33 7.81 25.57 26.21
CA GLY A 33 8.54 26.23 27.28
C GLY A 33 9.44 25.30 28.08
N ASN A 34 9.99 25.81 29.17
CA ASN A 34 10.88 25.02 30.02
C ASN A 34 10.42 25.01 31.47
N HIS A 35 9.56 25.97 31.82
CA HIS A 35 9.00 26.07 33.16
C HIS A 35 7.60 26.70 33.04
N TYR A 36 6.66 26.14 33.79
CA TYR A 36 5.27 26.60 33.82
C TYR A 36 4.89 26.77 35.28
N GLN A 37 4.20 27.85 35.59
CA GLN A 37 3.76 28.13 36.95
C GLN A 37 2.38 28.79 36.98
N VAL A 38 1.53 28.33 37.89
CA VAL A 38 0.20 28.90 38.08
C VAL A 38 0.26 29.59 39.45
N ALA A 39 0.21 30.91 39.46
CA ALA A 39 0.28 31.66 40.70
C ALA A 39 -0.72 32.82 40.73
N PHE A 40 -1.02 33.33 41.92
CA PHE A 40 -1.96 34.43 42.06
C PHE A 40 -1.34 35.72 41.49
N GLY A 41 -2.14 36.48 40.77
CA GLY A 41 -1.65 37.71 40.18
C GLY A 41 -2.69 38.83 40.21
N GLY A 42 -2.66 39.69 39.19
CA GLY A 42 -3.58 40.80 39.15
C GLY A 42 -2.94 41.98 39.85
N LYS A 43 -2.74 43.08 39.13
CA LYS A 43 -2.12 44.27 39.69
C LYS A 43 -2.70 44.72 41.02
N GLY A 44 -4.03 44.70 41.14
CA GLY A 44 -4.64 45.11 42.38
C GLY A 44 -4.19 44.24 43.55
N ALA A 45 -4.32 42.92 43.37
CA ALA A 45 -3.94 41.97 44.39
C ALA A 45 -2.44 42.00 44.66
N ASN A 46 -1.64 42.09 43.61
CA ASN A 46 -0.19 42.14 43.78
C ASN A 46 0.17 43.34 44.66
N GLN A 47 -0.40 44.50 44.32
CA GLN A 47 -0.11 45.71 45.08
C GLN A 47 -0.65 45.64 46.53
N ALA A 48 -1.78 44.97 46.71
CA ALA A 48 -2.37 44.82 48.04
C ALA A 48 -1.49 43.94 48.91
N VAL A 49 -0.90 42.90 48.29
CA VAL A 49 -0.02 41.98 49.00
C VAL A 49 1.29 42.67 49.34
N ALA A 50 1.83 43.45 48.41
CA ALA A 50 3.06 44.17 48.68
C ALA A 50 2.85 45.10 49.88
N ALA A 51 1.71 45.80 49.90
CA ALA A 51 1.40 46.72 51.00
C ALA A 51 1.28 45.93 52.30
N GLY A 52 0.42 44.90 52.29
CA GLY A 52 0.21 44.09 53.47
C GLY A 52 1.50 43.50 54.02
N ARG A 53 2.24 42.79 53.18
CA ARG A 53 3.48 42.19 53.63
C ARG A 53 4.51 43.19 54.11
N SER A 54 4.57 44.37 53.50
CA SER A 54 5.54 45.34 53.94
C SER A 54 5.16 46.05 55.24
N GLY A 55 3.95 45.79 55.75
CA GLY A 55 3.53 46.38 57.01
C GLY A 55 2.42 47.43 57.02
N ALA A 56 1.71 47.59 55.92
CA ALA A 56 0.64 48.57 55.86
C ALA A 56 -0.67 48.11 56.49
N ASN A 57 -1.51 49.09 56.84
CA ASN A 57 -2.83 48.79 57.39
C ASN A 57 -3.66 48.98 56.12
N ILE A 58 -3.92 47.88 55.43
CA ILE A 58 -4.64 47.94 54.17
C ILE A 58 -5.88 47.07 54.01
N ALA A 59 -6.87 47.63 53.33
CA ALA A 59 -8.13 46.96 53.03
C ALA A 59 -8.18 46.90 51.49
N PHE A 60 -8.75 45.83 50.96
CA PHE A 60 -8.79 45.63 49.52
C PHE A 60 -10.20 45.54 48.93
N ILE A 61 -10.49 46.47 48.02
CA ILE A 61 -11.78 46.48 47.32
C ILE A 61 -11.53 45.76 46.00
N ALA A 62 -12.18 44.62 45.82
CA ALA A 62 -12.01 43.84 44.60
C ALA A 62 -13.13 42.81 44.43
N CYS A 63 -13.11 42.10 43.30
CA CYS A 63 -14.11 41.09 43.02
C CYS A 63 -13.48 39.82 42.48
N THR A 64 -13.96 38.67 42.96
CA THR A 64 -13.49 37.39 42.45
C THR A 64 -14.76 36.74 41.95
N GLY A 65 -14.63 35.60 41.28
CA GLY A 65 -15.82 34.89 40.81
C GLY A 65 -16.25 33.94 41.90
N ASP A 66 -17.38 33.27 41.70
CA ASP A 66 -17.88 32.29 42.67
C ASP A 66 -17.27 30.94 42.36
N ASP A 67 -16.03 30.94 41.90
CA ASP A 67 -15.37 29.69 41.59
C ASP A 67 -14.41 29.28 42.68
N SER A 68 -13.85 28.09 42.52
CA SER A 68 -12.91 27.52 43.47
C SER A 68 -11.65 28.38 43.63
N ILE A 69 -11.06 28.80 42.51
CA ILE A 69 -9.85 29.61 42.54
C ILE A 69 -10.13 30.94 43.30
N GLY A 70 -11.35 31.46 43.15
CA GLY A 70 -11.71 32.69 43.85
C GLY A 70 -11.70 32.52 45.36
N GLU A 71 -12.25 31.41 45.85
CA GLU A 71 -12.28 31.15 47.28
C GLU A 71 -10.85 30.99 47.75
N SER A 72 -10.06 30.31 46.92
CA SER A 72 -8.66 30.05 47.19
C SER A 72 -7.83 31.32 47.32
N VAL A 73 -8.03 32.27 46.41
CA VAL A 73 -7.25 33.51 46.48
C VAL A 73 -7.67 34.37 47.67
N ARG A 74 -8.96 34.38 47.99
CA ARG A 74 -9.43 35.16 49.12
C ARG A 74 -8.82 34.66 50.42
N GLN A 75 -8.74 33.34 50.59
CA GLN A 75 -8.14 32.75 51.79
C GLN A 75 -6.68 33.17 51.91
N GLN A 76 -5.97 33.13 50.79
CA GLN A 76 -4.56 33.49 50.75
C GLN A 76 -4.37 34.95 51.12
N LEU A 77 -5.09 35.83 50.44
CA LEU A 77 -4.99 37.26 50.70
C LEU A 77 -5.17 37.61 52.18
N ALA A 78 -6.04 36.89 52.87
CA ALA A 78 -6.28 37.16 54.29
C ALA A 78 -5.03 36.90 55.11
N THR A 79 -4.17 35.97 54.64
CA THR A 79 -2.95 35.64 55.35
C THR A 79 -1.83 36.62 55.00
N ASP A 80 -2.11 37.53 54.08
CA ASP A 80 -1.12 38.53 53.66
C ASP A 80 -1.29 39.88 54.35
N ASN A 81 -1.92 39.88 55.52
CA ASN A 81 -2.15 41.09 56.30
C ASN A 81 -3.03 42.06 55.55
N ILE A 82 -4.06 41.54 54.91
CA ILE A 82 -5.00 42.35 54.15
C ILE A 82 -6.42 42.14 54.66
N ASP A 83 -7.12 43.25 54.93
CA ASP A 83 -8.51 43.17 55.34
C ASP A 83 -9.24 42.92 54.02
N ILE A 84 -9.84 41.75 53.87
CA ILE A 84 -10.53 41.40 52.65
C ILE A 84 -12.04 41.55 52.73
N THR A 85 -12.53 42.25 53.76
CA THR A 85 -13.96 42.45 53.90
C THR A 85 -14.56 43.10 52.66
N PRO A 86 -13.82 44.01 51.99
CA PRO A 86 -14.29 44.69 50.77
C PRO A 86 -14.18 43.87 49.48
N VAL A 87 -13.69 42.63 49.59
CA VAL A 87 -13.56 41.76 48.42
C VAL A 87 -14.88 41.02 48.18
N SER A 88 -15.55 41.34 47.07
CA SER A 88 -16.83 40.74 46.72
C SER A 88 -16.71 39.48 45.88
N VAL A 89 -17.70 38.61 46.01
CA VAL A 89 -17.76 37.37 45.24
C VAL A 89 -18.89 37.55 44.26
N ILE A 90 -18.56 37.55 42.97
CA ILE A 90 -19.57 37.74 41.94
C ILE A 90 -20.19 36.41 41.48
N LYS A 91 -21.47 36.22 41.78
CA LYS A 91 -22.18 35.01 41.40
C LYS A 91 -22.30 34.88 39.89
N GLY A 92 -22.04 33.68 39.37
CA GLY A 92 -22.15 33.44 37.95
C GLY A 92 -21.00 33.96 37.13
N GLU A 93 -19.94 34.39 37.80
CA GLU A 93 -18.77 34.93 37.09
C GLU A 93 -17.50 34.22 37.52
N SER A 94 -16.54 34.17 36.60
CA SER A 94 -15.28 33.51 36.88
C SER A 94 -14.25 34.53 37.34
N THR A 95 -13.25 34.06 38.07
CA THR A 95 -12.18 34.91 38.55
C THR A 95 -11.22 35.25 37.41
N GLY A 96 -10.78 36.50 37.35
CA GLY A 96 -9.87 36.90 36.29
C GLY A 96 -8.73 35.91 36.08
N VAL A 97 -8.23 35.85 34.86
CA VAL A 97 -7.10 34.99 34.52
C VAL A 97 -6.10 35.73 33.63
N ALA A 98 -4.82 35.44 33.81
CA ALA A 98 -3.77 36.05 33.02
C ALA A 98 -2.92 34.94 32.38
N LEU A 99 -2.71 35.04 31.07
CA LEU A 99 -1.87 34.07 30.36
C LEU A 99 -0.60 34.86 30.05
N ILE A 100 0.53 34.37 30.56
CA ILE A 100 1.81 35.04 30.43
C ILE A 100 2.94 34.24 29.79
N PHE A 101 3.60 34.87 28.83
CA PHE A 101 4.73 34.29 28.11
C PHE A 101 5.97 35.10 28.49
N VAL A 102 7.06 34.41 28.84
CA VAL A 102 8.30 35.09 29.18
C VAL A 102 9.39 34.53 28.26
N ASN A 103 10.08 35.38 27.51
CA ASN A 103 11.13 34.86 26.64
C ASN A 103 12.46 34.75 27.37
N GLY A 104 13.51 34.42 26.63
CA GLY A 104 14.83 34.29 27.23
C GLY A 104 15.39 35.64 27.65
N GLU A 105 14.85 36.71 27.08
CA GLU A 105 15.28 38.08 27.39
C GLU A 105 14.53 38.67 28.60
N GLY A 106 13.68 37.86 29.24
CA GLY A 106 12.95 38.36 30.40
C GLY A 106 11.74 39.24 30.08
N GLU A 107 11.59 39.64 28.83
CA GLU A 107 10.46 40.47 28.45
C GLU A 107 9.24 39.56 28.38
N ASN A 108 8.05 40.11 28.65
CA ASN A 108 6.83 39.31 28.61
C ASN A 108 5.68 39.90 27.82
N VAL A 109 4.69 39.04 27.58
CA VAL A 109 3.47 39.38 26.87
C VAL A 109 2.32 38.86 27.73
N ILE A 110 1.38 39.74 28.08
CA ILE A 110 0.24 39.37 28.93
C ILE A 110 -1.15 39.49 28.29
N GLY A 111 -1.89 38.38 28.33
CA GLY A 111 -3.24 38.36 27.78
C GLY A 111 -4.18 38.21 28.97
N ILE A 112 -5.14 39.12 29.10
CA ILE A 112 -6.05 39.06 30.24
C ILE A 112 -7.52 38.78 30.04
N HIS A 113 -8.03 37.91 30.89
CA HIS A 113 -9.45 37.58 30.93
C HIS A 113 -9.92 38.28 32.19
N ALA A 114 -10.63 39.39 32.02
CA ALA A 114 -11.12 40.20 33.13
C ALA A 114 -11.98 39.43 34.11
N GLY A 115 -12.93 38.66 33.57
CA GLY A 115 -13.82 37.91 34.42
C GLY A 115 -14.48 38.82 35.44
N ALA A 116 -14.57 38.34 36.67
CA ALA A 116 -15.21 39.09 37.75
C ALA A 116 -14.70 40.52 37.95
N ASN A 117 -13.47 40.79 37.51
CA ASN A 117 -12.90 42.13 37.66
C ASN A 117 -13.72 43.20 36.95
N ALA A 118 -14.38 42.82 35.87
CA ALA A 118 -15.19 43.77 35.12
C ALA A 118 -16.45 44.13 35.89
N ALA A 119 -16.73 43.39 36.96
CA ALA A 119 -17.91 43.63 37.78
C ALA A 119 -17.67 44.62 38.93
N LEU A 120 -16.42 45.08 39.09
CA LEU A 120 -16.14 46.04 40.15
C LEU A 120 -16.67 47.37 39.60
N SER A 121 -17.94 47.63 39.88
CA SER A 121 -18.64 48.80 39.37
C SER A 121 -18.70 50.03 40.26
N PRO A 122 -19.19 51.16 39.71
CA PRO A 122 -19.31 52.41 40.46
C PRO A 122 -20.22 52.16 41.66
N ALA A 123 -21.17 51.25 41.49
CA ALA A 123 -22.11 50.92 42.57
C ALA A 123 -21.35 50.27 43.73
N LEU A 124 -20.44 49.34 43.42
CA LEU A 124 -19.66 48.70 44.46
C LEU A 124 -18.74 49.71 45.09
N VAL A 125 -18.32 50.70 44.30
CA VAL A 125 -17.46 51.74 44.82
C VAL A 125 -18.24 52.62 45.79
N GLU A 126 -19.45 53.00 45.41
CA GLU A 126 -20.27 53.85 46.27
C GLU A 126 -20.54 53.16 47.60
N ALA A 127 -20.61 51.84 47.57
CA ALA A 127 -20.86 51.06 48.79
C ALA A 127 -19.67 51.17 49.72
N GLN A 128 -18.53 51.61 49.19
CA GLN A 128 -17.32 51.75 49.99
C GLN A 128 -16.99 53.22 50.26
N ARG A 129 -17.93 54.10 49.97
CA ARG A 129 -17.72 55.53 50.17
C ARG A 129 -17.09 55.89 51.50
N GLU A 130 -17.67 55.41 52.59
CA GLU A 130 -17.17 55.72 53.92
C GLU A 130 -15.76 55.17 54.13
N ARG A 131 -15.50 53.96 53.64
CA ARG A 131 -14.18 53.35 53.79
C ARG A 131 -13.12 54.19 53.08
N ILE A 132 -13.43 54.65 51.87
CA ILE A 132 -12.51 55.47 51.10
C ILE A 132 -12.33 56.86 51.71
N ALA A 133 -13.43 57.45 52.19
CA ALA A 133 -13.38 58.78 52.80
C ALA A 133 -12.53 58.79 54.07
N ASN A 134 -12.54 57.71 54.82
CA ASN A 134 -11.75 57.65 56.04
C ASN A 134 -10.33 57.17 55.89
N ALA A 135 -9.98 56.68 54.71
CA ALA A 135 -8.63 56.19 54.47
C ALA A 135 -7.65 57.33 54.24
N SER A 136 -6.38 57.09 54.55
CA SER A 136 -5.35 58.10 54.36
C SER A 136 -4.96 58.15 52.89
N ALA A 137 -5.05 57.00 52.23
CA ALA A 137 -4.70 56.90 50.82
C ALA A 137 -5.47 55.81 50.09
N LEU A 138 -5.61 56.00 48.78
CA LEU A 138 -6.30 55.09 47.89
C LEU A 138 -5.33 54.78 46.74
N LEU A 139 -5.03 53.50 46.56
CA LEU A 139 -4.12 53.05 45.50
C LEU A 139 -4.89 52.23 44.47
N MET A 140 -4.82 52.64 43.20
CA MET A 140 -5.53 51.97 42.13
C MET A 140 -4.66 51.75 40.89
N GLN A 141 -5.10 50.86 40.00
CA GLN A 141 -4.39 50.58 38.75
C GLN A 141 -5.43 50.66 37.64
N LEU A 142 -5.11 50.19 36.45
CA LEU A 142 -6.08 50.24 35.37
C LEU A 142 -6.63 48.88 34.90
N GLU A 143 -6.72 47.90 35.79
CA GLU A 143 -7.27 46.61 35.41
C GLU A 143 -8.69 46.49 35.95
N SER A 144 -9.27 47.63 36.32
CA SER A 144 -10.64 47.69 36.83
C SER A 144 -11.31 48.70 35.90
N PRO A 145 -12.66 48.68 35.82
CA PRO A 145 -13.38 49.61 34.95
C PRO A 145 -13.00 51.06 35.25
N LEU A 146 -12.72 51.83 34.20
CA LEU A 146 -12.32 53.22 34.36
C LEU A 146 -13.36 54.03 35.13
N GLU A 147 -14.62 53.79 34.84
CA GLU A 147 -15.72 54.49 35.50
C GLU A 147 -15.64 54.30 37.01
N SER A 148 -15.21 53.12 37.42
CA SER A 148 -15.09 52.79 38.84
C SER A 148 -13.89 53.48 39.46
N VAL A 149 -12.77 53.49 38.73
CA VAL A 149 -11.55 54.14 39.21
C VAL A 149 -11.85 55.63 39.34
N MET A 150 -12.62 56.16 38.39
CA MET A 150 -12.98 57.57 38.37
C MET A 150 -13.86 57.89 39.59
N ALA A 151 -14.86 57.05 39.82
CA ALA A 151 -15.76 57.24 40.94
C ALA A 151 -15.02 57.25 42.27
N ALA A 152 -14.11 56.28 42.44
CA ALA A 152 -13.34 56.17 43.67
C ALA A 152 -12.43 57.38 43.83
N ALA A 153 -11.83 57.83 42.73
CA ALA A 153 -10.95 58.99 42.78
C ALA A 153 -11.73 60.21 43.28
N LYS A 154 -12.94 60.40 42.78
CA LYS A 154 -13.74 61.55 43.21
C LYS A 154 -14.07 61.51 44.69
N ILE A 155 -14.42 60.34 45.21
CA ILE A 155 -14.73 60.23 46.63
C ILE A 155 -13.48 60.57 47.46
N ALA A 156 -12.35 60.00 47.07
CA ALA A 156 -11.10 60.24 47.77
C ALA A 156 -10.76 61.73 47.76
N HIS A 157 -10.94 62.36 46.59
CA HIS A 157 -10.67 63.78 46.42
C HIS A 157 -11.53 64.62 47.37
N GLN A 158 -12.84 64.39 47.32
CA GLN A 158 -13.80 65.12 48.17
C GLN A 158 -13.44 65.00 49.65
N ASN A 159 -12.72 63.94 50.00
CA ASN A 159 -12.39 63.68 51.40
C ASN A 159 -10.93 63.77 51.80
N LYS A 160 -10.14 64.44 50.98
CA LYS A 160 -8.73 64.60 51.29
C LYS A 160 -8.02 63.25 51.48
N THR A 161 -8.45 62.26 50.72
CA THR A 161 -7.81 60.94 50.76
C THR A 161 -6.81 60.98 49.60
N ILE A 162 -5.55 60.69 49.90
CA ILE A 162 -4.53 60.71 48.86
C ILE A 162 -4.84 59.68 47.76
N VAL A 163 -4.74 60.14 46.52
CA VAL A 163 -5.00 59.28 45.37
C VAL A 163 -3.69 58.88 44.69
N ALA A 164 -3.34 57.60 44.79
CA ALA A 164 -2.14 57.08 44.16
C ALA A 164 -2.63 56.22 42.99
N LEU A 165 -2.18 56.55 41.78
CA LEU A 165 -2.60 55.80 40.60
C LEU A 165 -1.44 55.22 39.81
N ASN A 166 -1.43 53.90 39.66
CA ASN A 166 -0.43 53.18 38.88
C ASN A 166 -1.15 52.99 37.55
N PRO A 167 -0.84 53.84 36.56
CA PRO A 167 -1.46 53.81 35.23
C PRO A 167 -1.10 52.59 34.38
N ALA A 168 -1.39 51.39 34.88
CA ALA A 168 -1.08 50.17 34.14
C ALA A 168 -2.28 49.23 34.16
N PRO A 169 -2.51 48.51 33.06
CA PRO A 169 -1.74 48.50 31.80
C PRO A 169 -1.80 49.86 31.11
N ALA A 170 -0.82 50.11 30.25
CA ALA A 170 -0.73 51.37 29.52
C ALA A 170 -1.98 51.75 28.73
N ARG A 171 -2.31 53.02 28.76
CA ARG A 171 -3.45 53.57 28.03
C ARG A 171 -3.60 55.05 28.30
N GLU A 172 -4.34 55.73 27.43
CA GLU A 172 -4.55 57.16 27.60
C GLU A 172 -5.62 57.32 28.67
N LEU A 173 -5.57 58.42 29.38
CA LEU A 173 -6.54 58.70 30.43
C LEU A 173 -7.12 60.10 30.30
N PRO A 174 -8.42 60.27 30.60
CA PRO A 174 -9.06 61.59 30.51
C PRO A 174 -8.46 62.55 31.52
N ASP A 175 -8.37 63.84 31.16
CA ASP A 175 -7.82 64.85 32.06
C ASP A 175 -8.61 64.89 33.36
N GLU A 176 -9.90 64.54 33.29
CA GLU A 176 -10.77 64.54 34.44
C GLU A 176 -10.22 63.65 35.56
N LEU A 177 -9.68 62.50 35.19
CA LEU A 177 -9.11 61.58 36.17
C LEU A 177 -7.76 62.07 36.66
N LEU A 178 -6.88 62.40 35.72
CA LEU A 178 -5.54 62.87 36.06
C LEU A 178 -5.55 64.04 37.03
N ALA A 179 -6.53 64.92 36.88
CA ALA A 179 -6.66 66.08 37.76
C ALA A 179 -6.87 65.68 39.21
N LEU A 180 -7.43 64.50 39.42
CA LEU A 180 -7.72 64.02 40.78
C LEU A 180 -6.58 63.21 41.43
N VAL A 181 -5.49 63.00 40.70
CA VAL A 181 -4.38 62.21 41.21
C VAL A 181 -3.31 63.02 41.94
N ASP A 182 -2.84 62.48 43.06
CA ASP A 182 -1.79 63.10 43.86
C ASP A 182 -0.45 62.48 43.49
N ILE A 183 -0.43 61.16 43.34
CA ILE A 183 0.78 60.43 43.00
C ILE A 183 0.53 59.48 41.86
N ILE A 184 1.24 59.66 40.74
CA ILE A 184 1.08 58.75 39.61
C ILE A 184 2.42 58.02 39.38
N THR A 185 2.34 56.72 39.13
CA THR A 185 3.55 55.91 38.96
C THR A 185 3.66 55.15 37.64
N PRO A 186 3.80 55.87 36.52
CA PRO A 186 3.90 55.18 35.23
C PRO A 186 5.29 54.60 35.05
N ASN A 187 5.41 53.58 34.20
CA ASN A 187 6.74 53.09 33.88
C ASN A 187 7.00 53.89 32.61
N GLU A 188 8.09 53.63 31.90
CA GLU A 188 8.40 54.38 30.70
C GLU A 188 7.37 54.30 29.57
N THR A 189 6.86 53.10 29.29
CA THR A 189 5.86 52.96 28.24
C THR A 189 4.59 53.68 28.59
N GLU A 190 4.25 53.66 29.88
CA GLU A 190 3.04 54.32 30.35
C GLU A 190 3.19 55.84 30.34
N ALA A 191 4.37 56.33 30.70
CA ALA A 191 4.63 57.76 30.69
C ALA A 191 4.44 58.28 29.25
N GLU A 192 5.08 57.58 28.31
CA GLU A 192 4.99 57.96 26.91
C GLU A 192 3.56 57.91 26.38
N LYS A 193 2.80 56.90 26.81
CA LYS A 193 1.42 56.75 26.35
C LYS A 193 0.51 57.85 26.91
N LEU A 194 0.86 58.38 28.08
CA LEU A 194 0.07 59.43 28.73
C LEU A 194 0.45 60.84 28.30
N THR A 195 1.72 61.04 27.95
CA THR A 195 2.19 62.37 27.61
C THR A 195 2.61 62.54 26.15
N GLY A 196 2.74 61.43 25.45
CA GLY A 196 3.14 61.49 24.06
C GLY A 196 4.65 61.67 23.95
N ILE A 197 5.32 61.62 25.09
CA ILE A 197 6.77 61.78 25.14
C ILE A 197 7.50 60.47 25.46
N ARG A 198 8.39 60.06 24.57
CA ARG A 198 9.16 58.83 24.78
C ARG A 198 10.23 59.09 25.82
N VAL A 199 10.41 58.15 26.74
CA VAL A 199 11.38 58.31 27.82
C VAL A 199 12.61 57.43 27.67
N GLU A 200 13.69 58.02 27.14
CA GLU A 200 14.93 57.28 26.95
C GLU A 200 16.01 57.69 27.96
N ASN A 201 15.97 58.95 28.38
CA ASN A 201 16.96 59.42 29.35
C ASN A 201 16.28 60.27 30.41
N ASP A 202 17.05 60.65 31.42
CA ASP A 202 16.50 61.44 32.50
C ASP A 202 15.90 62.74 31.99
N GLU A 203 16.41 63.25 30.86
CA GLU A 203 15.84 64.49 30.33
C GLU A 203 14.46 64.23 29.77
N ASP A 204 14.26 63.05 29.15
CA ASP A 204 12.93 62.73 28.61
C ASP A 204 11.95 62.60 29.78
N ALA A 205 12.43 62.02 30.88
CA ALA A 205 11.61 61.80 32.07
C ALA A 205 11.07 63.11 32.62
N ALA A 206 11.95 64.10 32.77
CA ALA A 206 11.56 65.40 33.30
C ALA A 206 10.49 66.05 32.44
N LYS A 207 10.64 65.94 31.13
CA LYS A 207 9.66 66.54 30.21
C LYS A 207 8.33 65.81 30.28
N ALA A 208 8.38 64.49 30.47
CA ALA A 208 7.15 63.71 30.56
C ALA A 208 6.46 64.05 31.87
N ALA A 209 7.24 64.21 32.93
CA ALA A 209 6.72 64.56 34.24
C ALA A 209 6.05 65.93 34.24
N GLN A 210 6.65 66.87 33.53
CA GLN A 210 6.12 68.23 33.46
C GLN A 210 4.69 68.21 32.89
N VAL A 211 4.49 67.41 31.86
CA VAL A 211 3.17 67.28 31.24
C VAL A 211 2.16 66.84 32.30
N LEU A 212 2.54 65.83 33.09
CA LEU A 212 1.66 65.32 34.12
C LEU A 212 1.46 66.32 35.23
N HIS A 213 2.50 67.09 35.55
CA HIS A 213 2.35 68.10 36.61
C HIS A 213 1.31 69.13 36.15
N GLU A 214 1.36 69.49 34.87
CA GLU A 214 0.44 70.44 34.27
C GLU A 214 -0.98 69.88 34.23
N LYS A 215 -1.11 68.56 34.22
CA LYS A 215 -2.44 67.93 34.20
C LYS A 215 -3.00 67.98 35.63
N GLY A 216 -2.18 68.43 36.57
CA GLY A 216 -2.61 68.54 37.95
C GLY A 216 -2.04 67.54 38.95
N ILE A 217 -1.09 66.73 38.51
CA ILE A 217 -0.50 65.73 39.39
C ILE A 217 0.81 66.24 40.01
N ARG A 218 0.78 66.46 41.32
CA ARG A 218 1.92 66.98 42.05
C ARG A 218 3.14 66.08 42.13
N THR A 219 2.92 64.80 42.41
CA THR A 219 4.04 63.88 42.51
C THR A 219 4.04 62.86 41.39
N VAL A 220 5.06 62.92 40.55
CA VAL A 220 5.20 62.00 39.43
C VAL A 220 6.44 61.11 39.62
N LEU A 221 6.23 59.80 39.58
CA LEU A 221 7.34 58.87 39.74
C LEU A 221 7.36 57.96 38.52
N ILE A 222 8.36 58.16 37.66
CA ILE A 222 8.49 57.36 36.45
C ILE A 222 9.54 56.28 36.68
N THR A 223 9.07 55.04 36.81
CA THR A 223 9.97 53.92 37.02
C THR A 223 10.77 53.64 35.75
N LEU A 224 12.08 53.46 35.91
CA LEU A 224 12.97 53.24 34.78
C LEU A 224 13.57 51.83 34.75
N GLY A 225 12.82 50.85 35.27
CA GLY A 225 13.34 49.49 35.27
C GLY A 225 14.52 49.35 36.21
N SER A 226 15.65 48.88 35.69
CA SER A 226 16.85 48.72 36.50
C SER A 226 17.52 50.04 36.79
N ARG A 227 17.08 51.10 36.12
CA ARG A 227 17.67 52.42 36.32
C ARG A 227 17.00 53.18 37.48
N GLY A 228 16.12 52.50 38.19
CA GLY A 228 15.44 53.14 39.32
C GLY A 228 14.18 53.91 38.98
N VAL A 229 14.13 55.18 39.35
CA VAL A 229 12.97 55.99 39.09
C VAL A 229 13.26 57.47 39.05
N TRP A 230 12.55 58.18 38.18
CA TRP A 230 12.69 59.62 38.09
C TRP A 230 11.62 60.21 38.99
N ALA A 231 12.01 60.67 40.17
CA ALA A 231 11.06 61.23 41.12
C ALA A 231 10.94 62.74 40.92
N SER A 232 9.72 63.22 40.75
CA SER A 232 9.49 64.65 40.54
C SER A 232 8.25 65.21 41.28
N VAL A 233 8.47 66.27 42.04
CA VAL A 233 7.39 66.93 42.80
C VAL A 233 7.22 68.33 42.23
N ASN A 234 6.12 68.52 41.51
CA ASN A 234 5.82 69.80 40.86
C ASN A 234 7.02 70.44 40.14
N GLY A 235 7.66 69.68 39.26
CA GLY A 235 8.77 70.21 38.51
C GLY A 235 10.18 69.97 39.02
N GLU A 236 10.35 69.78 40.32
CA GLU A 236 11.66 69.52 40.87
C GLU A 236 11.86 68.02 41.03
N GLY A 237 12.72 67.43 40.21
CA GLY A 237 12.93 65.99 40.32
C GLY A 237 14.33 65.49 40.06
N GLN A 238 14.54 64.21 40.35
CA GLN A 238 15.85 63.60 40.13
C GLN A 238 15.68 62.09 40.09
N ARG A 239 16.65 61.38 39.51
CA ARG A 239 16.57 59.92 39.44
C ARG A 239 17.09 59.28 40.72
N VAL A 240 16.29 58.39 41.29
CA VAL A 240 16.69 57.67 42.49
C VAL A 240 17.02 56.26 41.99
N PRO A 241 18.31 55.93 41.95
CA PRO A 241 18.73 54.60 41.49
C PRO A 241 18.18 53.47 42.35
N GLY A 242 17.94 52.32 41.72
CA GLY A 242 17.44 51.16 42.43
C GLY A 242 18.63 50.34 42.87
N PHE A 243 18.40 49.09 43.26
CA PHE A 243 19.49 48.23 43.69
C PHE A 243 19.84 47.21 42.61
N ARG A 244 21.10 46.78 42.58
CA ARG A 244 21.55 45.82 41.57
C ARG A 244 21.36 44.39 42.04
N VAL A 245 20.74 43.58 41.20
CA VAL A 245 20.49 42.19 41.53
C VAL A 245 20.38 41.36 40.25
N GLN A 246 20.46 40.05 40.38
CA GLN A 246 20.33 39.19 39.21
C GLN A 246 18.84 38.89 39.10
N ALA A 247 18.20 39.41 38.05
CA ALA A 247 16.79 39.19 37.85
C ALA A 247 16.48 37.79 37.34
N VAL A 248 15.33 37.26 37.75
CA VAL A 248 14.91 35.95 37.30
C VAL A 248 13.50 36.12 36.72
N ASP A 249 12.74 36.99 37.38
CA ASP A 249 11.36 37.26 36.99
C ASP A 249 10.98 38.67 37.45
N THR A 250 10.71 39.57 36.50
CA THR A 250 10.33 40.94 36.88
C THR A 250 8.83 41.18 36.83
N ILE A 251 8.03 40.12 36.79
CA ILE A 251 6.58 40.28 36.79
C ILE A 251 6.28 40.82 38.19
N ALA A 252 5.42 41.81 38.27
CA ALA A 252 5.04 42.40 39.57
C ALA A 252 6.14 43.28 40.19
N ALA A 253 7.19 43.60 39.45
CA ALA A 253 8.24 44.45 39.99
C ALA A 253 7.59 45.80 40.33
N GLY A 254 6.90 46.36 39.35
CA GLY A 254 6.22 47.63 39.55
C GLY A 254 5.14 47.57 40.61
N ASP A 255 4.40 46.46 40.65
CA ASP A 255 3.34 46.32 41.65
C ASP A 255 3.92 46.32 43.05
N THR A 256 5.07 45.66 43.21
CA THR A 256 5.73 45.58 44.51
C THR A 256 6.23 46.98 44.89
N PHE A 257 6.75 47.71 43.90
CA PHE A 257 7.23 49.07 44.12
C PHE A 257 6.09 49.94 44.67
N ASN A 258 4.92 49.89 44.03
CA ASN A 258 3.79 50.68 44.46
C ASN A 258 3.28 50.34 45.86
N GLY A 259 3.10 49.05 46.13
CA GLY A 259 2.62 48.66 47.44
C GLY A 259 3.56 49.08 48.55
N ALA A 260 4.86 48.84 48.32
CA ALA A 260 5.86 49.18 49.32
C ALA A 260 6.01 50.69 49.46
N LEU A 261 5.88 51.42 48.36
CA LEU A 261 6.01 52.87 48.38
C LEU A 261 4.98 53.51 49.32
N ILE A 262 3.71 53.17 49.09
CA ILE A 262 2.64 53.74 49.89
C ILE A 262 2.75 53.38 51.36
N THR A 263 3.27 52.19 51.65
CA THR A 263 3.44 51.78 53.04
C THR A 263 4.45 52.73 53.68
N ALA A 264 5.55 52.96 52.97
CA ALA A 264 6.60 53.85 53.46
C ALA A 264 6.08 55.28 53.66
N LEU A 265 5.37 55.81 52.68
CA LEU A 265 4.84 57.15 52.78
C LEU A 265 3.87 57.27 53.96
N LEU A 266 3.01 56.28 54.14
CA LEU A 266 2.06 56.32 55.24
C LEU A 266 2.73 56.23 56.61
N GLU A 267 3.98 55.77 56.64
CA GLU A 267 4.72 55.71 57.91
C GLU A 267 5.47 57.03 58.06
N GLU A 268 5.11 57.99 57.22
CA GLU A 268 5.72 59.30 57.24
C GLU A 268 7.20 59.40 56.88
N LYS A 269 7.70 58.43 56.12
CA LYS A 269 9.09 58.51 55.69
C LYS A 269 9.13 59.46 54.50
N PRO A 270 10.09 60.39 54.48
CA PRO A 270 10.16 61.33 53.35
C PRO A 270 10.24 60.57 52.02
N LEU A 271 9.79 61.22 50.94
CA LEU A 271 9.75 60.60 49.62
C LEU A 271 11.00 59.82 49.19
N PRO A 272 12.19 60.44 49.25
CA PRO A 272 13.40 59.72 48.83
C PRO A 272 13.59 58.42 49.60
N GLU A 273 13.42 58.50 50.92
CA GLU A 273 13.58 57.31 51.74
C GLU A 273 12.54 56.26 51.36
N ALA A 274 11.30 56.71 51.17
CA ALA A 274 10.20 55.82 50.80
C ALA A 274 10.50 55.11 49.48
N ILE A 275 11.08 55.83 48.53
CA ILE A 275 11.41 55.25 47.24
C ILE A 275 12.51 54.20 47.44
N ARG A 276 13.40 54.47 48.38
CA ARG A 276 14.48 53.55 48.68
C ARG A 276 13.88 52.25 49.22
N PHE A 277 12.95 52.40 50.16
CA PHE A 277 12.26 51.27 50.75
C PHE A 277 11.58 50.47 49.63
N ALA A 278 10.93 51.19 48.73
CA ALA A 278 10.22 50.57 47.63
C ALA A 278 11.18 49.84 46.68
N HIS A 279 12.32 50.45 46.36
CA HIS A 279 13.31 49.82 45.48
C HIS A 279 13.80 48.51 46.07
N ALA A 280 14.01 48.50 47.39
CA ALA A 280 14.49 47.29 48.08
C ALA A 280 13.48 46.17 47.93
N ALA A 281 12.22 46.46 48.20
CA ALA A 281 11.17 45.44 48.09
C ALA A 281 11.09 44.93 46.66
N ALA A 282 11.14 45.84 45.71
CA ALA A 282 11.05 45.48 44.31
C ALA A 282 12.24 44.64 43.84
N ALA A 283 13.44 45.02 44.29
CA ALA A 283 14.66 44.31 43.95
C ALA A 283 14.53 42.86 44.38
N ILE A 284 14.08 42.65 45.62
CA ILE A 284 13.90 41.30 46.14
C ILE A 284 12.89 40.56 45.27
N ALA A 285 11.81 41.25 44.93
CA ALA A 285 10.76 40.66 44.09
C ALA A 285 11.28 40.17 42.75
N VAL A 286 12.18 40.92 42.12
CA VAL A 286 12.70 40.51 40.80
C VAL A 286 13.64 39.31 40.85
N THR A 287 14.05 38.91 42.04
CA THR A 287 14.93 37.75 42.21
C THR A 287 14.12 36.50 42.56
N ARG A 288 12.80 36.60 42.43
CA ARG A 288 11.93 35.47 42.74
C ARG A 288 10.95 35.26 41.59
N LYS A 289 10.28 34.11 41.57
CA LYS A 289 9.36 33.83 40.47
C LYS A 289 7.87 33.99 40.82
N GLY A 290 7.08 34.39 39.83
CA GLY A 290 5.66 34.57 40.06
C GLY A 290 5.36 35.97 40.58
N ALA A 291 4.10 36.37 40.56
CA ALA A 291 3.75 37.70 41.04
C ALA A 291 3.69 37.77 42.56
N GLN A 292 2.61 37.28 43.17
CA GLN A 292 2.50 37.35 44.62
C GLN A 292 3.52 36.50 45.39
N PRO A 293 3.94 35.36 44.84
CA PRO A 293 4.92 34.54 45.53
C PRO A 293 6.25 35.28 45.71
N SER A 294 6.57 36.17 44.78
CA SER A 294 7.82 36.90 44.86
C SER A 294 7.77 38.17 45.72
N VAL A 295 6.60 38.52 46.24
CA VAL A 295 6.47 39.72 47.06
C VAL A 295 7.07 39.49 48.45
N PRO A 296 8.11 40.28 48.81
CA PRO A 296 8.81 40.19 50.10
C PRO A 296 8.06 40.73 51.32
N TRP A 297 8.45 40.26 52.49
CA TRP A 297 7.84 40.71 53.74
C TRP A 297 8.69 41.82 54.34
N ARG A 298 8.11 42.57 55.27
CA ARG A 298 8.79 43.68 55.92
C ARG A 298 10.15 43.29 56.52
N GLU A 299 10.17 42.18 57.26
CA GLU A 299 11.40 41.69 57.87
C GLU A 299 12.49 41.55 56.80
N GLU A 300 12.13 40.94 55.68
CA GLU A 300 13.05 40.76 54.56
C GLU A 300 13.50 42.09 53.97
N ILE A 301 12.56 43.02 53.81
CA ILE A 301 12.88 44.31 53.25
C ILE A 301 13.88 45.07 54.13
N ASP A 302 13.58 45.19 55.42
CA ASP A 302 14.51 45.88 56.32
C ASP A 302 15.87 45.19 56.33
N ALA A 303 15.86 43.85 56.32
CA ALA A 303 17.11 43.09 56.33
C ALA A 303 17.91 43.50 55.12
N PHE A 304 17.27 43.47 53.96
CA PHE A 304 17.93 43.86 52.73
C PHE A 304 18.52 45.26 52.89
N LEU A 305 17.72 46.17 53.46
CA LEU A 305 18.18 47.55 53.64
C LEU A 305 19.37 47.66 54.60
N ASP A 306 19.35 46.86 55.66
CA ASP A 306 20.44 46.86 56.64
C ASP A 306 21.71 46.23 56.10
N ARG A 307 21.59 45.29 55.18
CA ARG A 307 22.78 44.67 54.61
C ARG A 307 23.32 45.53 53.47
N GLN A 308 22.78 46.73 53.34
CA GLN A 308 23.21 47.65 52.29
C GLN A 308 23.97 48.81 52.91
N GLN B 2 -16.85 -5.84 7.80
CA GLN B 2 -17.30 -4.47 8.19
C GLN B 2 -16.13 -3.62 8.66
N ASN B 3 -15.91 -3.59 9.97
CA ASN B 3 -14.84 -2.77 10.54
C ASN B 3 -13.63 -2.66 9.65
N ALA B 4 -13.23 -1.42 9.38
CA ALA B 4 -12.08 -1.15 8.55
C ALA B 4 -10.83 -1.55 9.31
N GLY B 5 -9.66 -1.36 8.70
CA GLY B 5 -8.44 -1.70 9.41
C GLY B 5 -8.34 -0.88 10.67
N SER B 6 -7.50 -1.30 11.60
CA SER B 6 -7.33 -0.59 12.85
C SER B 6 -6.32 0.56 12.73
N LEU B 7 -6.63 1.65 13.42
CA LEU B 7 -5.77 2.84 13.43
C LEU B 7 -5.18 3.07 14.82
N VAL B 8 -3.91 3.44 14.84
CA VAL B 8 -3.23 3.76 16.09
C VAL B 8 -2.71 5.19 16.01
N VAL B 9 -3.13 6.01 16.94
CA VAL B 9 -2.68 7.39 16.99
C VAL B 9 -1.74 7.49 18.18
N LEU B 10 -0.57 8.05 17.93
CA LEU B 10 0.43 8.23 18.97
C LEU B 10 0.74 9.71 19.02
N GLY B 11 0.48 10.33 20.16
CA GLY B 11 0.72 11.75 20.30
C GLY B 11 0.40 12.34 21.65
N SER B 12 0.35 13.67 21.67
CA SER B 12 0.11 14.45 22.86
C SER B 12 -1.32 14.68 23.35
N ILE B 13 -1.40 15.08 24.60
CA ILE B 13 -2.65 15.42 25.26
C ILE B 13 -2.40 16.72 26.01
N ASN B 14 -3.23 17.73 25.76
CA ASN B 14 -3.10 19.02 26.42
C ASN B 14 -4.43 19.54 26.95
N ALA B 15 -4.34 20.44 27.92
CA ALA B 15 -5.50 21.13 28.45
C ALA B 15 -5.26 22.54 27.87
N ASP B 16 -6.15 23.00 26.99
CA ASP B 16 -5.99 24.30 26.36
C ASP B 16 -6.62 25.46 27.15
N HIS B 17 -5.89 26.56 27.21
CA HIS B 17 -6.34 27.77 27.87
C HIS B 17 -6.35 28.79 26.72
N ILE B 18 -7.54 29.03 26.19
CA ILE B 18 -7.72 29.90 25.05
C ILE B 18 -8.32 31.27 25.35
N LEU B 19 -7.63 32.32 24.93
CA LEU B 19 -8.11 33.67 25.13
C LEU B 19 -8.32 34.37 23.79
N ASN B 20 -9.55 34.74 23.49
CA ASN B 20 -9.80 35.45 22.23
C ASN B 20 -9.58 36.92 22.48
N LEU B 21 -8.74 37.53 21.65
CA LEU B 21 -8.45 38.95 21.75
C LEU B 21 -8.40 39.58 20.37
N GLN B 22 -8.45 40.92 20.34
CA GLN B 22 -8.45 41.66 19.09
C GLN B 22 -7.12 41.49 18.38
N SER B 23 -6.04 41.95 19.01
CA SER B 23 -4.71 41.83 18.45
C SER B 23 -3.76 41.16 19.45
N PHE B 24 -2.84 40.34 18.93
CA PHE B 24 -1.87 39.68 19.80
C PHE B 24 -1.16 40.84 20.47
N PRO B 25 -0.77 40.67 21.73
CA PRO B 25 -0.07 41.77 22.40
C PRO B 25 1.37 41.79 21.88
N THR B 26 2.10 42.87 22.15
CA THR B 26 3.49 42.97 21.73
C THR B 26 4.34 42.96 23.00
N PRO B 27 5.67 42.82 22.85
CA PRO B 27 6.52 42.80 24.03
C PRO B 27 6.14 43.86 25.04
N GLY B 28 6.29 43.53 26.32
CA GLY B 28 5.96 44.46 27.37
C GLY B 28 4.51 44.93 27.37
N GLU B 29 3.70 44.41 26.43
CA GLU B 29 2.31 44.82 26.36
C GLU B 29 1.35 43.90 27.10
N THR B 30 0.20 44.45 27.47
CA THR B 30 -0.86 43.73 28.18
C THR B 30 -2.19 44.02 27.46
N VAL B 31 -2.85 42.95 27.01
CA VAL B 31 -4.11 43.07 26.29
C VAL B 31 -5.25 42.29 26.96
N THR B 32 -6.44 42.86 26.95
CA THR B 32 -7.60 42.21 27.54
C THR B 32 -8.40 41.60 26.40
N GLY B 33 -8.71 40.32 26.51
CA GLY B 33 -9.44 39.64 25.47
C GLY B 33 -10.92 39.71 25.73
N ASN B 34 -11.70 39.12 24.82
CA ASN B 34 -13.14 39.12 24.94
C ASN B 34 -13.76 37.78 25.27
N HIS B 35 -12.97 36.71 25.25
CA HIS B 35 -13.50 35.38 25.58
C HIS B 35 -12.39 34.43 26.01
N TYR B 36 -12.67 33.69 27.08
CA TYR B 36 -11.71 32.75 27.62
C TYR B 36 -12.35 31.36 27.73
N GLN B 37 -11.61 30.33 27.35
CA GLN B 37 -12.13 28.97 27.38
C GLN B 37 -11.05 27.93 27.73
N VAL B 38 -11.42 26.99 28.60
CA VAL B 38 -10.53 25.91 28.97
C VAL B 38 -11.17 24.68 28.33
N ALA B 39 -10.40 24.01 27.48
CA ALA B 39 -10.89 22.84 26.78
C ALA B 39 -9.76 21.85 26.50
N PHE B 40 -10.13 20.63 26.15
CA PHE B 40 -9.16 19.58 25.86
C PHE B 40 -8.47 19.81 24.53
N GLY B 41 -7.16 19.62 24.51
CA GLY B 41 -6.40 19.82 23.29
C GLY B 41 -5.26 18.85 23.10
N GLY B 42 -4.26 19.30 22.36
CA GLY B 42 -3.12 18.44 22.05
C GLY B 42 -3.37 17.82 20.70
N LYS B 43 -2.42 17.98 19.78
CA LYS B 43 -2.57 17.45 18.43
C LYS B 43 -2.87 15.96 18.42
N GLY B 44 -2.22 15.22 19.31
CA GLY B 44 -2.46 13.79 19.38
C GLY B 44 -3.91 13.49 19.69
N ALA B 45 -4.39 14.06 20.78
CA ALA B 45 -5.77 13.87 21.23
C ALA B 45 -6.78 14.43 20.24
N ASN B 46 -6.50 15.62 19.69
CA ASN B 46 -7.43 16.20 18.74
C ASN B 46 -7.59 15.27 17.53
N GLN B 47 -6.48 14.74 17.04
CA GLN B 47 -6.56 13.85 15.90
C GLN B 47 -7.21 12.51 16.25
N ALA B 48 -7.00 12.03 17.47
CA ALA B 48 -7.60 10.77 17.92
C ALA B 48 -9.11 10.94 17.99
N VAL B 49 -9.55 12.07 18.50
CA VAL B 49 -10.98 12.36 18.61
C VAL B 49 -11.60 12.51 17.22
N ALA B 50 -10.89 13.17 16.30
CA ALA B 50 -11.41 13.33 14.94
C ALA B 50 -11.60 11.95 14.33
N ALA B 51 -10.62 11.07 14.52
CA ALA B 51 -10.70 9.72 13.98
C ALA B 51 -11.87 8.96 14.61
N GLY B 52 -11.90 8.96 15.95
CA GLY B 52 -12.96 8.28 16.67
C GLY B 52 -14.35 8.76 16.29
N ARG B 53 -14.58 10.07 16.41
CA ARG B 53 -15.88 10.62 16.08
C ARG B 53 -16.30 10.40 14.63
N SER B 54 -15.34 10.41 13.70
CA SER B 54 -15.70 10.21 12.30
C SER B 54 -15.94 8.74 11.95
N GLY B 55 -15.71 7.83 12.90
CA GLY B 55 -15.98 6.42 12.65
C GLY B 55 -14.86 5.40 12.55
N ALA B 56 -13.64 5.80 12.90
CA ALA B 56 -12.50 4.88 12.82
C ALA B 56 -12.40 3.92 13.99
N ASN B 57 -11.66 2.84 13.79
CA ASN B 57 -11.41 1.86 14.85
C ASN B 57 -10.03 2.29 15.29
N ILE B 58 -9.99 3.13 16.33
CA ILE B 58 -8.73 3.69 16.79
C ILE B 58 -8.38 3.52 18.26
N ALA B 59 -7.07 3.33 18.50
CA ALA B 59 -6.51 3.18 19.84
C ALA B 59 -5.50 4.32 19.96
N PHE B 60 -5.36 4.88 21.16
CA PHE B 60 -4.49 6.02 21.36
C PHE B 60 -3.34 5.80 22.33
N ILE B 61 -2.12 5.94 21.84
CA ILE B 61 -0.92 5.80 22.66
C ILE B 61 -0.55 7.21 23.10
N ALA B 62 -0.61 7.46 24.40
CA ALA B 62 -0.30 8.80 24.91
C ALA B 62 -0.05 8.76 26.41
N CYS B 63 0.29 9.91 26.98
CA CYS B 63 0.55 10.01 28.42
C CYS B 63 -0.12 11.23 29.00
N THR B 64 -0.75 11.07 30.17
CA THR B 64 -1.35 12.20 30.89
C THR B 64 -0.59 12.20 32.22
N GLY B 65 -0.81 13.23 33.02
CA GLY B 65 -0.16 13.28 34.32
C GLY B 65 -1.08 12.59 35.31
N ASP B 66 -0.64 12.43 36.55
CA ASP B 66 -1.48 11.81 37.56
C ASP B 66 -2.30 12.87 38.27
N ASP B 67 -2.73 13.88 37.51
CA ASP B 67 -3.52 14.97 38.08
C ASP B 67 -4.99 14.81 37.72
N SER B 68 -5.82 15.69 38.26
CA SER B 68 -7.26 15.64 38.03
C SER B 68 -7.62 15.85 36.57
N ILE B 69 -6.98 16.83 35.93
CA ILE B 69 -7.28 17.11 34.54
C ILE B 69 -6.95 15.89 33.68
N GLY B 70 -5.91 15.16 34.05
CA GLY B 70 -5.55 13.96 33.32
C GLY B 70 -6.63 12.89 33.39
N GLU B 71 -7.17 12.65 34.57
CA GLU B 71 -8.23 11.64 34.71
C GLU B 71 -9.46 12.12 33.95
N SER B 72 -9.70 13.42 33.99
CA SER B 72 -10.82 14.01 33.30
C SER B 72 -10.73 13.82 31.78
N VAL B 73 -9.57 14.08 31.19
CA VAL B 73 -9.40 13.95 29.75
C VAL B 73 -9.50 12.48 29.32
N ARG B 74 -8.96 11.57 30.12
CA ARG B 74 -9.02 10.15 29.78
C ARG B 74 -10.44 9.63 29.73
N GLN B 75 -11.27 10.10 30.66
CA GLN B 75 -12.66 9.67 30.70
C GLN B 75 -13.40 10.21 29.48
N GLN B 76 -13.11 11.46 29.12
CA GLN B 76 -13.73 12.09 27.95
C GLN B 76 -13.36 11.32 26.68
N LEU B 77 -12.07 11.08 26.50
CA LEU B 77 -11.58 10.37 25.33
C LEU B 77 -12.28 9.03 25.13
N ALA B 78 -12.58 8.35 26.23
CA ALA B 78 -13.25 7.05 26.13
C ALA B 78 -14.64 7.18 25.51
N THR B 79 -15.26 8.35 25.69
CA THR B 79 -16.59 8.57 25.13
C THR B 79 -16.53 9.07 23.68
N ASP B 80 -15.31 9.22 23.15
CA ASP B 80 -15.13 9.68 21.78
C ASP B 80 -14.80 8.52 20.83
N ASN B 81 -15.22 7.32 21.21
CA ASN B 81 -14.99 6.10 20.44
C ASN B 81 -13.50 5.83 20.25
N ILE B 82 -12.75 5.97 21.34
CA ILE B 82 -11.32 5.74 21.33
C ILE B 82 -10.92 4.68 22.37
N ASP B 83 -10.13 3.70 21.95
CA ASP B 83 -9.66 2.69 22.89
C ASP B 83 -8.51 3.40 23.60
N ILE B 84 -8.69 3.71 24.87
CA ILE B 84 -7.64 4.42 25.62
C ILE B 84 -6.74 3.52 26.45
N THR B 85 -6.83 2.20 26.26
CA THR B 85 -5.97 1.31 27.02
C THR B 85 -4.50 1.72 26.90
N PRO B 86 -4.03 2.17 25.71
CA PRO B 86 -2.64 2.58 25.53
C PRO B 86 -2.28 3.97 26.11
N VAL B 87 -3.22 4.62 26.78
CA VAL B 87 -2.94 5.93 27.38
C VAL B 87 -2.40 5.74 28.79
N SER B 88 -1.13 6.09 28.99
CA SER B 88 -0.48 5.93 30.29
C SER B 88 -0.64 7.13 31.21
N VAL B 89 -0.66 6.85 32.52
CA VAL B 89 -0.75 7.89 33.54
C VAL B 89 0.65 7.97 34.16
N ILE B 90 1.32 9.11 33.97
CA ILE B 90 2.67 9.29 34.49
C ILE B 90 2.66 9.89 35.90
N LYS B 91 3.04 9.07 36.89
CA LYS B 91 3.09 9.50 38.28
C LYS B 91 4.14 10.60 38.44
N GLY B 92 3.80 11.61 39.24
CA GLY B 92 4.73 12.70 39.49
C GLY B 92 4.84 13.72 38.39
N GLU B 93 3.98 13.62 37.39
CA GLU B 93 4.01 14.55 36.27
C GLU B 93 2.62 15.16 36.05
N SER B 94 2.57 16.38 35.57
CA SER B 94 1.29 17.03 35.30
C SER B 94 0.92 16.82 33.82
N THR B 95 -0.37 16.91 33.51
CA THR B 95 -0.82 16.78 32.13
C THR B 95 -0.40 18.00 31.33
N GLY B 96 -0.20 17.82 30.03
CA GLY B 96 0.22 18.91 29.17
C GLY B 96 -0.71 20.10 29.20
N VAL B 97 -0.15 21.29 28.99
CA VAL B 97 -0.92 22.52 28.98
C VAL B 97 -0.50 23.38 27.78
N ALA B 98 -1.45 24.07 27.18
CA ALA B 98 -1.18 24.94 26.06
C ALA B 98 -1.84 26.28 26.35
N LEU B 99 -1.08 27.36 26.23
CA LEU B 99 -1.63 28.70 26.44
C LEU B 99 -1.84 29.24 25.04
N ILE B 100 -3.05 29.73 24.76
CA ILE B 100 -3.37 30.18 23.41
C ILE B 100 -4.05 31.54 23.25
N PHE B 101 -3.52 32.33 22.32
CA PHE B 101 -4.06 33.65 21.98
C PHE B 101 -4.64 33.51 20.57
N VAL B 102 -5.83 34.07 20.35
CA VAL B 102 -6.52 34.03 19.06
C VAL B 102 -6.95 35.47 18.73
N ASN B 103 -6.41 36.08 17.66
CA ASN B 103 -6.81 37.46 17.35
C ASN B 103 -8.13 37.60 16.59
N GLY B 104 -8.48 38.85 16.30
CA GLY B 104 -9.70 39.16 15.58
C GLY B 104 -9.86 38.45 14.25
N GLU B 105 -8.75 38.16 13.57
CA GLU B 105 -8.83 37.47 12.29
C GLU B 105 -9.07 35.97 12.47
N GLY B 106 -8.89 35.47 13.69
CA GLY B 106 -9.11 34.04 13.91
C GLY B 106 -7.84 33.22 13.89
N GLU B 107 -6.70 33.89 13.75
CA GLU B 107 -5.41 33.21 13.75
C GLU B 107 -5.07 32.90 15.21
N ASN B 108 -3.98 32.17 15.44
CA ASN B 108 -3.59 31.85 16.80
C ASN B 108 -2.11 31.62 16.97
N VAL B 109 -1.66 31.79 18.21
CA VAL B 109 -0.29 31.56 18.64
C VAL B 109 -0.37 30.63 19.85
N ILE B 110 0.53 29.68 19.95
CA ILE B 110 0.49 28.68 21.03
C ILE B 110 1.81 28.44 21.78
N GLY B 111 1.72 28.48 23.09
CA GLY B 111 2.87 28.24 23.95
C GLY B 111 2.55 26.94 24.69
N ILE B 112 3.47 25.99 24.66
CA ILE B 112 3.22 24.70 25.29
C ILE B 112 4.09 24.25 26.47
N HIS B 113 3.42 23.70 27.47
CA HIS B 113 4.08 23.10 28.63
C HIS B 113 3.87 21.61 28.37
N ALA B 114 4.93 20.97 27.88
CA ALA B 114 4.91 19.55 27.54
C ALA B 114 4.36 18.61 28.63
N GLY B 115 4.85 18.78 29.86
CA GLY B 115 4.40 17.93 30.94
C GLY B 115 4.59 16.45 30.65
N ALA B 116 3.59 15.65 30.99
CA ALA B 116 3.64 14.21 30.80
C ALA B 116 3.94 13.76 29.37
N ASN B 117 3.62 14.61 28.40
CA ASN B 117 3.85 14.28 27.00
C ASN B 117 5.32 13.95 26.73
N ALA B 118 6.21 14.58 27.49
CA ALA B 118 7.64 14.35 27.32
C ALA B 118 8.04 12.96 27.81
N ALA B 119 7.14 12.32 28.55
CA ALA B 119 7.42 10.99 29.06
C ALA B 119 7.06 9.86 28.10
N LEU B 120 6.45 10.18 26.96
CA LEU B 120 6.08 9.15 25.98
C LEU B 120 7.41 8.76 25.31
N SER B 121 8.06 7.77 25.91
CA SER B 121 9.36 7.30 25.47
C SER B 121 9.41 6.11 24.53
N PRO B 122 10.60 5.83 23.98
CA PRO B 122 10.81 4.71 23.08
C PRO B 122 10.41 3.43 23.81
N ALA B 123 10.66 3.41 25.12
CA ALA B 123 10.31 2.24 25.94
C ALA B 123 8.79 2.07 25.96
N LEU B 124 8.04 3.16 26.09
CA LEU B 124 6.58 3.04 26.08
C LEU B 124 6.12 2.64 24.69
N VAL B 125 6.87 3.05 23.68
CA VAL B 125 6.55 2.67 22.30
C VAL B 125 6.79 1.17 22.12
N GLU B 126 7.94 0.69 22.60
CA GLU B 126 8.28 -0.72 22.48
C GLU B 126 7.22 -1.59 23.12
N ALA B 127 6.65 -1.10 24.21
CA ALA B 127 5.60 -1.82 24.90
C ALA B 127 4.38 -1.99 24.02
N GLN B 128 4.28 -1.17 22.97
CA GLN B 128 3.13 -1.23 22.06
C GLN B 128 3.54 -1.85 20.72
N ARG B 129 4.70 -2.47 20.66
CA ARG B 129 5.17 -3.07 19.42
C ARG B 129 4.13 -3.88 18.68
N GLU B 130 3.49 -4.81 19.36
CA GLU B 130 2.51 -5.66 18.72
C GLU B 130 1.29 -4.88 18.25
N ARG B 131 0.84 -3.92 19.06
CA ARG B 131 -0.32 -3.12 18.69
C ARG B 131 -0.04 -2.36 17.39
N ILE B 132 1.16 -1.79 17.28
CA ILE B 132 1.54 -1.04 16.10
C ILE B 132 1.71 -1.95 14.89
N ALA B 133 2.36 -3.09 15.11
CA ALA B 133 2.59 -4.06 14.05
C ALA B 133 1.29 -4.61 13.47
N ASN B 134 0.27 -4.77 14.30
CA ASN B 134 -0.98 -5.31 13.79
C ASN B 134 -1.95 -4.26 13.23
N ALA B 135 -1.65 -2.98 13.44
CA ALA B 135 -2.50 -1.89 12.96
C ALA B 135 -2.37 -1.67 11.45
N SER B 136 -3.41 -1.14 10.82
CA SER B 136 -3.35 -0.86 9.39
C SER B 136 -2.62 0.46 9.16
N ALA B 137 -2.71 1.35 10.14
CA ALA B 137 -2.06 2.64 10.02
C ALA B 137 -1.66 3.24 11.37
N LEU B 138 -0.65 4.10 11.32
CA LEU B 138 -0.12 4.80 12.49
C LEU B 138 -0.09 6.29 12.16
N LEU B 139 -0.77 7.09 12.97
CA LEU B 139 -0.83 8.54 12.78
C LEU B 139 -0.12 9.25 13.93
N MET B 140 0.86 10.08 13.59
CA MET B 140 1.63 10.80 14.60
C MET B 140 1.84 12.27 14.24
N GLN B 141 2.22 13.06 15.25
CA GLN B 141 2.50 14.46 15.06
C GLN B 141 3.88 14.72 15.69
N LEU B 142 4.20 15.99 15.92
CA LEU B 142 5.49 16.31 16.49
C LEU B 142 5.44 16.93 17.89
N GLU B 143 4.43 16.60 18.68
CA GLU B 143 4.34 17.11 20.04
C GLU B 143 4.75 16.01 21.03
N SER B 144 5.40 14.98 20.50
CA SER B 144 5.89 13.87 21.30
C SER B 144 7.39 13.82 21.00
N PRO B 145 8.19 13.19 21.87
CA PRO B 145 9.63 13.12 21.64
C PRO B 145 9.98 12.50 20.28
N LEU B 146 10.86 13.16 19.54
CA LEU B 146 11.23 12.68 18.22
C LEU B 146 11.73 11.24 18.24
N GLU B 147 12.50 10.90 19.26
CA GLU B 147 13.05 9.55 19.38
C GLU B 147 11.92 8.52 19.39
N SER B 148 10.82 8.88 20.04
CA SER B 148 9.67 8.00 20.14
C SER B 148 8.93 7.89 18.81
N VAL B 149 8.78 9.01 18.12
CA VAL B 149 8.12 9.00 16.82
C VAL B 149 8.92 8.14 15.85
N MET B 150 10.25 8.26 15.94
CA MET B 150 11.16 7.50 15.10
C MET B 150 11.01 6.01 15.37
N ALA B 151 11.03 5.64 16.66
CA ALA B 151 10.90 4.25 17.04
C ALA B 151 9.59 3.64 16.53
N ALA B 152 8.51 4.39 16.71
CA ALA B 152 7.19 3.95 16.29
C ALA B 152 7.14 3.78 14.77
N ALA B 153 7.77 4.72 14.05
CA ALA B 153 7.80 4.68 12.60
C ALA B 153 8.52 3.42 12.11
N LYS B 154 9.63 3.09 12.76
CA LYS B 154 10.40 1.91 12.37
C LYS B 154 9.61 0.62 12.58
N ILE B 155 8.89 0.52 13.71
CA ILE B 155 8.09 -0.66 13.98
C ILE B 155 6.99 -0.78 12.91
N ALA B 156 6.32 0.33 12.63
CA ALA B 156 5.25 0.36 11.62
C ALA B 156 5.79 -0.04 10.26
N HIS B 157 6.95 0.53 9.91
CA HIS B 157 7.59 0.24 8.64
C HIS B 157 7.91 -1.25 8.47
N GLN B 158 8.61 -1.83 9.45
CA GLN B 158 8.96 -3.25 9.37
C GLN B 158 7.75 -4.17 9.31
N ASN B 159 6.58 -3.65 9.67
CA ASN B 159 5.35 -4.45 9.65
C ASN B 159 4.30 -4.00 8.63
N LYS B 160 4.74 -3.23 7.64
CA LYS B 160 3.83 -2.76 6.61
C LYS B 160 2.62 -2.02 7.16
N THR B 161 2.82 -1.34 8.28
CA THR B 161 1.78 -0.52 8.90
C THR B 161 1.96 0.86 8.29
N ILE B 162 0.91 1.40 7.67
CA ILE B 162 1.00 2.71 7.05
C ILE B 162 1.42 3.80 8.04
N VAL B 163 2.41 4.61 7.66
CA VAL B 163 2.86 5.68 8.53
C VAL B 163 2.40 7.05 8.04
N ALA B 164 1.47 7.64 8.78
CA ALA B 164 0.95 8.96 8.44
C ALA B 164 1.51 9.95 9.45
N LEU B 165 2.25 10.94 8.95
CA LEU B 165 2.86 11.94 9.81
C LEU B 165 2.42 13.37 9.54
N ASN B 166 1.82 14.00 10.54
CA ASN B 166 1.39 15.40 10.47
C ASN B 166 2.57 16.10 11.14
N PRO B 167 3.48 16.69 10.34
CA PRO B 167 4.69 17.39 10.79
C PRO B 167 4.44 18.71 11.52
N ALA B 168 3.67 18.66 12.60
CA ALA B 168 3.36 19.86 13.38
C ALA B 168 3.60 19.61 14.86
N PRO B 169 4.11 20.62 15.59
CA PRO B 169 4.48 21.96 15.16
C PRO B 169 5.66 21.92 14.16
N ALA B 170 5.78 22.98 13.36
CA ALA B 170 6.81 23.10 12.35
C ALA B 170 8.24 22.93 12.84
N ARG B 171 9.03 22.14 12.12
CA ARG B 171 10.43 21.92 12.46
C ARG B 171 11.07 21.06 11.39
N GLU B 172 12.41 21.05 11.35
CA GLU B 172 13.12 20.23 10.39
C GLU B 172 13.13 18.80 10.91
N LEU B 173 13.15 17.84 10.01
CA LEU B 173 13.16 16.42 10.39
C LEU B 173 14.28 15.67 9.69
N PRO B 174 14.91 14.70 10.38
CA PRO B 174 16.00 13.92 9.77
C PRO B 174 15.50 13.08 8.60
N ASP B 175 16.35 12.89 7.59
CA ASP B 175 15.96 12.09 6.44
C ASP B 175 15.59 10.68 6.87
N GLU B 176 16.23 10.21 7.93
CA GLU B 176 15.96 8.88 8.45
C GLU B 176 14.46 8.68 8.79
N LEU B 177 13.82 9.72 9.33
CA LEU B 177 12.40 9.63 9.66
C LEU B 177 11.56 9.74 8.40
N LEU B 178 11.79 10.80 7.63
CA LEU B 178 11.04 11.05 6.40
C LEU B 178 10.99 9.84 5.48
N ALA B 179 12.08 9.10 5.44
CA ALA B 179 12.16 7.90 4.59
C ALA B 179 11.13 6.84 4.97
N LEU B 180 10.72 6.85 6.24
CA LEU B 180 9.76 5.88 6.76
C LEU B 180 8.30 6.30 6.63
N VAL B 181 8.05 7.52 6.14
CA VAL B 181 6.68 8.00 6.03
C VAL B 181 6.00 7.68 4.71
N ASP B 182 4.73 7.31 4.79
CA ASP B 182 3.92 6.97 3.61
C ASP B 182 3.03 8.16 3.23
N ILE B 183 2.54 8.86 4.25
CA ILE B 183 1.67 10.02 4.05
C ILE B 183 2.07 11.15 4.99
N ILE B 184 2.46 12.29 4.43
CA ILE B 184 2.84 13.44 5.25
C ILE B 184 1.89 14.58 4.93
N THR B 185 1.41 15.26 5.97
CA THR B 185 0.43 16.32 5.82
C THR B 185 0.84 17.69 6.37
N PRO B 186 1.90 18.28 5.82
CA PRO B 186 2.31 19.60 6.35
C PRO B 186 1.40 20.71 5.83
N ASN B 187 1.32 21.81 6.58
CA ASN B 187 0.56 22.94 6.08
C ASN B 187 1.66 23.71 5.34
N GLU B 188 1.37 24.92 4.89
CA GLU B 188 2.36 25.68 4.15
C GLU B 188 3.64 26.01 4.90
N THR B 189 3.53 26.50 6.14
CA THR B 189 4.71 26.81 6.92
C THR B 189 5.55 25.56 7.18
N GLU B 190 4.88 24.44 7.41
CA GLU B 190 5.58 23.19 7.66
C GLU B 190 6.24 22.66 6.40
N ALA B 191 5.60 22.86 5.25
CA ALA B 191 6.16 22.39 3.99
C ALA B 191 7.45 23.14 3.77
N GLU B 192 7.37 24.46 3.88
CA GLU B 192 8.51 25.33 3.69
C GLU B 192 9.65 24.98 4.64
N LYS B 193 9.32 24.72 5.90
CA LYS B 193 10.30 24.39 6.92
C LYS B 193 11.04 23.07 6.63
N LEU B 194 10.35 22.17 5.96
CA LEU B 194 10.89 20.84 5.64
C LEU B 194 11.64 20.77 4.32
N THR B 195 11.23 21.58 3.35
CA THR B 195 11.84 21.58 2.03
C THR B 195 12.67 22.81 1.73
N GLY B 196 12.47 23.88 2.51
CA GLY B 196 13.19 25.11 2.26
C GLY B 196 12.50 25.91 1.15
N ILE B 197 11.36 25.42 0.71
CA ILE B 197 10.59 26.07 -0.35
C ILE B 197 9.31 26.69 0.18
N ARG B 198 9.16 28.00 0.01
CA ARG B 198 7.95 28.71 0.45
C ARG B 198 6.82 28.31 -0.48
N VAL B 199 5.67 27.93 0.08
CA VAL B 199 4.54 27.51 -0.75
C VAL B 199 3.48 28.60 -0.82
N GLU B 200 3.15 29.03 -2.03
CA GLU B 200 2.14 30.08 -2.18
C GLU B 200 1.17 29.84 -3.30
N ASN B 201 1.37 28.75 -4.05
CA ASN B 201 0.47 28.46 -5.16
C ASN B 201 0.76 27.07 -5.73
N ASP B 202 -0.17 26.57 -6.54
CA ASP B 202 -0.04 25.26 -7.15
C ASP B 202 1.21 25.00 -7.98
N GLU B 203 2.20 25.88 -7.88
CA GLU B 203 3.43 25.67 -8.63
C GLU B 203 4.48 25.33 -7.57
N ASP B 204 4.43 26.07 -6.48
CA ASP B 204 5.37 25.90 -5.38
C ASP B 204 5.03 24.63 -4.61
N ALA B 205 3.74 24.44 -4.36
CA ALA B 205 3.29 23.25 -3.64
C ALA B 205 3.89 22.03 -4.32
N ALA B 206 3.78 21.97 -5.64
CA ALA B 206 4.31 20.84 -6.41
C ALA B 206 5.81 20.70 -6.24
N LYS B 207 6.51 21.82 -6.15
CA LYS B 207 7.96 21.81 -5.98
C LYS B 207 8.30 21.33 -4.56
N ALA B 208 7.52 21.78 -3.58
CA ALA B 208 7.76 21.37 -2.20
C ALA B 208 7.45 19.88 -2.08
N ALA B 209 6.41 19.46 -2.77
CA ALA B 209 6.01 18.06 -2.74
C ALA B 209 7.05 17.15 -3.38
N GLN B 210 7.72 17.63 -4.43
CA GLN B 210 8.70 16.80 -5.10
C GLN B 210 9.88 16.52 -4.16
N VAL B 211 10.27 17.53 -3.40
CA VAL B 211 11.37 17.39 -2.45
C VAL B 211 11.05 16.28 -1.44
N LEU B 212 9.80 16.24 -0.99
CA LEU B 212 9.38 15.22 -0.03
C LEU B 212 9.28 13.86 -0.68
N HIS B 213 8.84 13.82 -1.94
CA HIS B 213 8.75 12.55 -2.63
C HIS B 213 10.14 11.95 -2.78
N GLU B 214 11.12 12.82 -3.05
CA GLU B 214 12.49 12.36 -3.22
C GLU B 214 13.12 11.96 -1.89
N LYS B 215 12.50 12.39 -0.78
CA LYS B 215 13.00 12.01 0.54
C LYS B 215 12.42 10.63 0.86
N GLY B 216 11.58 10.12 -0.04
CA GLY B 216 10.99 8.81 0.16
C GLY B 216 9.52 8.76 0.54
N ILE B 217 8.84 9.89 0.55
CA ILE B 217 7.42 9.94 0.91
C ILE B 217 6.54 9.91 -0.33
N ARG B 218 5.77 8.84 -0.49
CA ARG B 218 4.91 8.66 -1.65
C ARG B 218 3.70 9.60 -1.74
N THR B 219 2.99 9.79 -0.65
CA THR B 219 1.82 10.66 -0.66
C THR B 219 2.06 11.92 0.16
N VAL B 220 2.03 13.06 -0.52
CA VAL B 220 2.25 14.33 0.13
C VAL B 220 1.00 15.19 -0.03
N LEU B 221 0.46 15.63 1.10
CA LEU B 221 -0.73 16.46 1.09
C LEU B 221 -0.40 17.75 1.82
N ILE B 222 -0.28 18.84 1.07
CA ILE B 222 0.04 20.13 1.66
C ILE B 222 -1.26 20.93 1.80
N THR B 223 -1.66 21.16 3.05
CA THR B 223 -2.90 21.88 3.30
C THR B 223 -2.67 23.36 3.04
N LEU B 224 -3.64 23.98 2.37
CA LEU B 224 -3.52 25.38 2.01
C LEU B 224 -4.54 26.28 2.72
N GLY B 225 -4.92 25.90 3.94
CA GLY B 225 -5.89 26.69 4.68
C GLY B 225 -7.24 26.63 3.99
N SER B 226 -7.78 27.80 3.64
CA SER B 226 -9.08 27.84 2.97
C SER B 226 -9.00 27.40 1.51
N ARG B 227 -7.79 27.36 0.97
CA ARG B 227 -7.63 26.95 -0.44
C ARG B 227 -7.65 25.44 -0.61
N GLY B 228 -7.92 24.71 0.46
CA GLY B 228 -7.96 23.25 0.34
C GLY B 228 -6.62 22.57 0.56
N VAL B 229 -6.25 21.70 -0.36
CA VAL B 229 -4.98 20.98 -0.23
C VAL B 229 -4.36 20.59 -1.57
N TRP B 230 -3.04 20.57 -1.60
CA TRP B 230 -2.35 20.15 -2.81
C TRP B 230 -2.02 18.69 -2.60
N ALA B 231 -2.81 17.82 -3.22
CA ALA B 231 -2.60 16.37 -3.10
C ALA B 231 -1.65 15.85 -4.17
N SER B 232 -0.61 15.13 -3.74
CA SER B 232 0.38 14.61 -4.67
C SER B 232 0.87 13.21 -4.33
N VAL B 233 0.76 12.29 -5.31
CA VAL B 233 1.22 10.92 -5.15
C VAL B 233 2.38 10.69 -6.10
N ASN B 234 3.59 10.62 -5.56
CA ASN B 234 4.82 10.44 -6.35
C ASN B 234 4.92 11.34 -7.57
N GLY B 235 4.78 12.65 -7.36
CA GLY B 235 4.91 13.59 -8.46
C GLY B 235 3.62 13.99 -9.14
N GLU B 236 2.61 13.12 -9.10
CA GLU B 236 1.33 13.45 -9.71
C GLU B 236 0.41 14.19 -8.73
N GLY B 237 0.45 15.52 -8.77
CA GLY B 237 -0.36 16.36 -7.89
C GLY B 237 -1.64 16.93 -8.50
N GLN B 238 -2.69 16.97 -7.67
CA GLN B 238 -4.03 17.47 -8.04
C GLN B 238 -4.51 18.39 -6.89
N ARG B 239 -5.05 19.57 -7.17
CA ARG B 239 -5.52 20.38 -6.06
C ARG B 239 -6.93 20.02 -5.71
N VAL B 240 -7.21 19.97 -4.42
CA VAL B 240 -8.54 19.62 -3.97
C VAL B 240 -9.05 20.73 -3.08
N PRO B 241 -9.98 21.55 -3.61
CA PRO B 241 -10.58 22.66 -2.88
C PRO B 241 -11.36 22.15 -1.67
N GLY B 242 -11.39 22.97 -0.62
CA GLY B 242 -12.13 22.60 0.57
C GLY B 242 -13.51 23.23 0.44
N PHE B 243 -14.22 23.39 1.56
CA PHE B 243 -15.54 23.98 1.50
C PHE B 243 -15.53 25.40 2.07
N ARG B 244 -16.48 26.21 1.63
CA ARG B 244 -16.54 27.59 2.12
C ARG B 244 -17.50 27.73 3.29
N VAL B 245 -17.00 28.26 4.40
CA VAL B 245 -17.82 28.47 5.59
C VAL B 245 -17.28 29.66 6.36
N GLN B 246 -18.09 30.15 7.29
CA GLN B 246 -17.68 31.28 8.11
C GLN B 246 -16.86 30.73 9.27
N ALA B 247 -15.58 31.07 9.28
CA ALA B 247 -14.68 30.61 10.34
C ALA B 247 -14.87 31.41 11.63
N VAL B 248 -14.77 30.73 12.77
CA VAL B 248 -14.88 31.38 14.07
C VAL B 248 -13.61 31.01 14.82
N ASP B 249 -13.16 29.79 14.62
CA ASP B 249 -12.00 29.26 15.31
C ASP B 249 -11.37 28.15 14.45
N THR B 250 -10.14 28.35 13.99
CA THR B 250 -9.51 27.32 13.18
C THR B 250 -8.49 26.49 13.99
N ILE B 251 -8.60 26.52 15.30
CA ILE B 251 -7.69 25.71 16.11
C ILE B 251 -8.14 24.28 15.83
N ALA B 252 -7.20 23.37 15.59
CA ALA B 252 -7.56 21.97 15.33
C ALA B 252 -8.17 21.71 13.96
N ALA B 253 -8.13 22.68 13.05
CA ALA B 253 -8.66 22.49 11.71
C ALA B 253 -7.84 21.39 11.06
N GLY B 254 -6.52 21.55 11.12
CA GLY B 254 -5.60 20.57 10.56
C GLY B 254 -5.70 19.22 11.24
N ASP B 255 -5.82 19.23 12.56
CA ASP B 255 -5.94 17.99 13.32
C ASP B 255 -7.19 17.22 12.90
N THR B 256 -8.29 17.94 12.68
CA THR B 256 -9.54 17.32 12.27
C THR B 256 -9.37 16.73 10.88
N PHE B 257 -8.65 17.45 10.02
CA PHE B 257 -8.38 17.01 8.67
C PHE B 257 -7.67 15.66 8.71
N ASN B 258 -6.59 15.59 9.49
CA ASN B 258 -5.82 14.36 9.62
C ASN B 258 -6.61 13.16 10.16
N GLY B 259 -7.35 13.36 11.24
CA GLY B 259 -8.12 12.29 11.82
C GLY B 259 -9.19 11.77 10.88
N ALA B 260 -9.90 12.69 10.22
CA ALA B 260 -10.95 12.30 9.28
C ALA B 260 -10.36 11.67 8.02
N LEU B 261 -9.22 12.17 7.58
CA LEU B 261 -8.57 11.63 6.39
C LEU B 261 -8.26 10.15 6.54
N ILE B 262 -7.57 9.78 7.60
CA ILE B 262 -7.20 8.39 7.80
C ILE B 262 -8.40 7.48 7.95
N THR B 263 -9.47 7.99 8.55
CA THR B 263 -10.69 7.20 8.72
C THR B 263 -11.22 6.85 7.33
N ALA B 264 -11.26 7.86 6.48
CA ALA B 264 -11.76 7.69 5.12
C ALA B 264 -10.88 6.72 4.33
N LEU B 265 -9.56 6.87 4.45
CA LEU B 265 -8.63 5.99 3.73
C LEU B 265 -8.77 4.54 4.20
N LEU B 266 -8.93 4.35 5.50
CA LEU B 266 -9.06 3.00 6.02
C LEU B 266 -10.37 2.35 5.62
N GLU B 267 -11.33 3.16 5.16
CA GLU B 267 -12.60 2.61 4.72
C GLU B 267 -12.48 2.35 3.22
N GLU B 268 -11.25 2.47 2.73
CA GLU B 268 -10.94 2.23 1.33
C GLU B 268 -11.50 3.24 0.35
N LYS B 269 -11.74 4.46 0.80
CA LYS B 269 -12.24 5.48 -0.11
C LYS B 269 -11.05 6.03 -0.86
N PRO B 270 -11.17 6.18 -2.19
CA PRO B 270 -10.03 6.72 -2.95
C PRO B 270 -9.55 8.05 -2.37
N LEU B 271 -8.26 8.33 -2.52
CA LEU B 271 -7.69 9.56 -1.98
C LEU B 271 -8.52 10.84 -2.19
N PRO B 272 -8.91 11.16 -3.44
CA PRO B 272 -9.68 12.39 -3.64
C PRO B 272 -10.95 12.47 -2.79
N GLU B 273 -11.70 11.37 -2.76
CA GLU B 273 -12.93 11.33 -1.98
C GLU B 273 -12.58 11.45 -0.50
N ALA B 274 -11.53 10.73 -0.09
CA ALA B 274 -11.07 10.75 1.30
C ALA B 274 -10.72 12.17 1.74
N ILE B 275 -10.08 12.93 0.86
CA ILE B 275 -9.70 14.30 1.15
C ILE B 275 -10.97 15.17 1.27
N ARG B 276 -11.97 14.86 0.45
CA ARG B 276 -13.22 15.61 0.49
C ARG B 276 -13.87 15.34 1.84
N PHE B 277 -13.89 14.09 2.25
CA PHE B 277 -14.46 13.69 3.52
C PHE B 277 -13.77 14.49 4.62
N ALA B 278 -12.45 14.57 4.53
CA ALA B 278 -11.63 15.29 5.50
C ALA B 278 -11.91 16.79 5.49
N HIS B 279 -12.07 17.38 4.31
CA HIS B 279 -12.38 18.81 4.18
C HIS B 279 -13.71 19.13 4.86
N ALA B 280 -14.68 18.23 4.68
CA ALA B 280 -15.99 18.44 5.27
C ALA B 280 -15.89 18.50 6.80
N ALA B 281 -15.24 17.50 7.39
CA ALA B 281 -15.07 17.46 8.84
C ALA B 281 -14.33 18.70 9.32
N ALA B 282 -13.26 19.07 8.61
CA ALA B 282 -12.47 20.23 8.98
C ALA B 282 -13.26 21.53 8.89
N ALA B 283 -14.06 21.64 7.83
CA ALA B 283 -14.89 22.83 7.59
C ALA B 283 -15.81 23.04 8.79
N ILE B 284 -16.50 21.98 9.18
CA ILE B 284 -17.41 22.04 10.31
C ILE B 284 -16.63 22.45 11.55
N ALA B 285 -15.43 21.87 11.72
CA ALA B 285 -14.60 22.19 12.87
C ALA B 285 -14.23 23.67 12.94
N VAL B 286 -13.98 24.30 11.80
CA VAL B 286 -13.61 25.70 11.84
C VAL B 286 -14.77 26.63 12.20
N THR B 287 -15.99 26.11 12.19
CA THR B 287 -17.16 26.92 12.52
C THR B 287 -17.57 26.76 13.98
N ARG B 288 -16.70 26.12 14.77
CA ARG B 288 -16.96 25.90 16.20
C ARG B 288 -15.77 26.36 17.02
N LYS B 289 -15.94 26.49 18.33
CA LYS B 289 -14.82 26.94 19.17
C LYS B 289 -14.13 25.83 19.96
N GLY B 290 -12.84 26.03 20.22
CA GLY B 290 -12.07 25.06 20.96
C GLY B 290 -11.56 23.95 20.06
N ALA B 291 -10.60 23.16 20.55
CA ALA B 291 -10.04 22.07 19.77
C ALA B 291 -11.01 20.89 19.67
N GLN B 292 -11.00 20.03 20.67
CA GLN B 292 -11.88 18.85 20.66
C GLN B 292 -13.37 19.14 20.64
N PRO B 293 -13.80 20.23 21.28
CA PRO B 293 -15.23 20.53 21.27
C PRO B 293 -15.74 20.80 19.85
N SER B 294 -14.87 21.29 18.97
CA SER B 294 -15.28 21.58 17.61
C SER B 294 -15.21 20.40 16.64
N VAL B 295 -14.65 19.27 17.08
CA VAL B 295 -14.55 18.08 16.22
C VAL B 295 -15.91 17.45 15.99
N PRO B 296 -16.34 17.38 14.72
CA PRO B 296 -17.64 16.82 14.29
C PRO B 296 -17.72 15.30 14.33
N TRP B 297 -18.94 14.78 14.40
CA TRP B 297 -19.17 13.35 14.41
C TRP B 297 -19.49 12.90 12.99
N ARG B 298 -19.40 11.60 12.76
CA ARG B 298 -19.67 11.01 11.46
C ARG B 298 -21.01 11.40 10.88
N GLU B 299 -22.06 11.32 11.71
CA GLU B 299 -23.41 11.67 11.26
C GLU B 299 -23.39 13.09 10.70
N GLU B 300 -22.77 13.99 11.44
CA GLU B 300 -22.68 15.39 11.02
C GLU B 300 -21.88 15.55 9.74
N ILE B 301 -20.79 14.78 9.62
CA ILE B 301 -19.93 14.85 8.45
C ILE B 301 -20.68 14.42 7.19
N ASP B 302 -21.33 13.26 7.25
CA ASP B 302 -22.07 12.78 6.09
C ASP B 302 -23.20 13.75 5.75
N ALA B 303 -23.90 14.25 6.77
CA ALA B 303 -24.99 15.19 6.54
C ALA B 303 -24.45 16.37 5.75
N PHE B 304 -23.37 16.96 6.24
CA PHE B 304 -22.76 18.09 5.57
C PHE B 304 -22.45 17.72 4.13
N LEU B 305 -21.97 16.49 3.92
CA LEU B 305 -21.62 16.03 2.59
C LEU B 305 -22.81 15.79 1.69
N ASP B 306 -23.77 15.00 2.17
CA ASP B 306 -24.98 14.65 1.42
C ASP B 306 -25.92 15.83 1.19
N ARG B 307 -25.47 17.03 1.57
CA ARG B 307 -26.24 18.26 1.39
C ARG B 307 -25.53 19.11 0.33
N GLN B 308 -24.24 18.87 0.17
CA GLN B 308 -23.45 19.60 -0.82
C GLN B 308 -23.86 19.15 -2.21
N ALA C 4 8.46 -68.80 -42.91
CA ALA C 4 7.69 -67.63 -43.43
C ALA C 4 8.65 -66.71 -44.15
N GLY C 5 8.21 -66.12 -45.26
CA GLY C 5 9.07 -65.21 -46.00
C GLY C 5 9.56 -64.10 -45.10
N SER C 6 10.54 -63.33 -45.55
CA SER C 6 11.07 -62.26 -44.73
C SER C 6 10.36 -60.93 -45.02
N LEU C 7 10.17 -60.15 -43.96
CA LEU C 7 9.52 -58.86 -44.07
C LEU C 7 10.48 -57.73 -43.75
N VAL C 8 10.38 -56.66 -44.54
CA VAL C 8 11.18 -55.48 -44.34
C VAL C 8 10.23 -54.30 -44.14
N VAL C 9 10.33 -53.66 -42.98
CA VAL C 9 9.52 -52.50 -42.69
C VAL C 9 10.42 -51.28 -42.82
N LEU C 10 9.96 -50.28 -43.56
CA LEU C 10 10.71 -49.06 -43.75
C LEU C 10 9.83 -47.92 -43.27
N GLY C 11 10.27 -47.21 -42.25
CA GLY C 11 9.49 -46.11 -41.72
C GLY C 11 10.10 -45.35 -40.55
N SER C 12 9.25 -44.54 -39.91
CA SER C 12 9.63 -43.67 -38.81
C SER C 12 9.76 -44.25 -37.41
N ILE C 13 10.46 -43.50 -36.58
CA ILE C 13 10.65 -43.80 -35.16
C ILE C 13 10.43 -42.49 -34.43
N ASN C 14 9.48 -42.47 -33.49
CA ASN C 14 9.16 -41.29 -32.70
C ASN C 14 9.15 -41.68 -31.24
N ALA C 15 9.29 -40.68 -30.38
CA ALA C 15 9.21 -40.88 -28.95
C ALA C 15 7.93 -40.11 -28.68
N ASP C 16 6.87 -40.82 -28.27
CA ASP C 16 5.60 -40.17 -28.03
C ASP C 16 5.44 -39.56 -26.64
N HIS C 17 4.87 -38.38 -26.61
CA HIS C 17 4.59 -37.66 -25.37
C HIS C 17 3.08 -37.64 -25.36
N ILE C 18 2.51 -38.50 -24.49
CA ILE C 18 1.07 -38.68 -24.40
C ILE C 18 0.40 -38.21 -23.11
N LEU C 19 -0.67 -37.43 -23.28
CA LEU C 19 -1.41 -36.89 -22.15
C LEU C 19 -2.89 -37.26 -22.26
N ASN C 20 -3.40 -38.05 -21.30
CA ASN C 20 -4.82 -38.40 -21.34
C ASN C 20 -5.62 -37.25 -20.73
N LEU C 21 -6.69 -36.84 -21.41
CA LEU C 21 -7.53 -35.76 -20.92
C LEU C 21 -8.99 -36.17 -21.05
N GLN C 22 -9.88 -35.41 -20.42
CA GLN C 22 -11.29 -35.70 -20.49
C GLN C 22 -11.72 -35.30 -21.90
N SER C 23 -11.37 -34.08 -22.28
CA SER C 23 -11.69 -33.58 -23.61
C SER C 23 -10.56 -32.75 -24.21
N PHE C 24 -10.39 -32.87 -25.52
CA PHE C 24 -9.34 -32.15 -26.25
C PHE C 24 -9.42 -30.68 -25.92
N PRO C 25 -8.27 -30.00 -25.78
CA PRO C 25 -8.38 -28.58 -25.48
C PRO C 25 -8.94 -27.87 -26.71
N THR C 26 -9.82 -26.90 -26.46
CA THR C 26 -10.40 -26.11 -27.53
C THR C 26 -9.39 -24.99 -27.74
N PRO C 27 -9.37 -24.37 -28.94
CA PRO C 27 -8.41 -23.29 -29.15
C PRO C 27 -8.35 -22.27 -28.04
N GLY C 28 -7.13 -21.85 -27.71
CA GLY C 28 -6.93 -20.87 -26.66
C GLY C 28 -7.06 -21.42 -25.26
N GLU C 29 -7.75 -22.56 -25.12
CA GLU C 29 -7.94 -23.15 -23.81
C GLU C 29 -6.69 -23.90 -23.34
N THR C 30 -6.44 -23.84 -22.03
CA THR C 30 -5.33 -24.55 -21.41
C THR C 30 -5.96 -25.60 -20.48
N VAL C 31 -5.88 -26.86 -20.87
CA VAL C 31 -6.46 -27.93 -20.06
C VAL C 31 -5.37 -28.71 -19.33
N THR C 32 -5.73 -29.24 -18.17
CA THR C 32 -4.82 -30.02 -17.36
C THR C 32 -5.37 -31.43 -17.53
N GLY C 33 -4.48 -32.41 -17.62
CA GLY C 33 -4.97 -33.76 -17.81
C GLY C 33 -4.53 -34.73 -16.75
N ASN C 34 -5.09 -35.93 -16.77
CA ASN C 34 -4.71 -36.94 -15.80
C ASN C 34 -3.37 -37.56 -16.22
N HIS C 35 -3.36 -38.86 -16.45
CA HIS C 35 -2.15 -39.58 -16.82
C HIS C 35 -1.27 -38.93 -17.91
N TYR C 36 0.03 -39.17 -17.80
CA TYR C 36 1.01 -38.64 -18.75
C TYR C 36 2.04 -39.70 -19.05
N GLN C 37 2.14 -40.10 -20.31
CA GLN C 37 3.10 -41.14 -20.67
C GLN C 37 4.08 -40.77 -21.79
N VAL C 38 5.30 -41.29 -21.68
CA VAL C 38 6.34 -41.05 -22.67
C VAL C 38 6.78 -42.41 -23.15
N ALA C 39 6.28 -42.83 -24.30
CA ALA C 39 6.63 -44.14 -24.82
C ALA C 39 7.08 -44.08 -26.27
N PHE C 40 7.51 -45.23 -26.77
CA PHE C 40 7.98 -45.33 -28.13
C PHE C 40 6.83 -45.32 -29.12
N GLY C 41 6.99 -44.51 -30.15
CA GLY C 41 5.96 -44.39 -31.17
C GLY C 41 6.56 -44.35 -32.56
N GLY C 42 5.81 -43.80 -33.51
CA GLY C 42 6.24 -43.73 -34.88
C GLY C 42 5.57 -44.86 -35.64
N LYS C 43 4.79 -44.53 -36.67
CA LYS C 43 4.10 -45.56 -37.46
C LYS C 43 5.03 -46.67 -37.96
N GLY C 44 6.22 -46.30 -38.40
CA GLY C 44 7.16 -47.31 -38.87
C GLY C 44 7.51 -48.29 -37.76
N ALA C 45 7.89 -47.75 -36.61
CA ALA C 45 8.28 -48.56 -35.46
C ALA C 45 7.09 -49.32 -34.88
N ASN C 46 5.94 -48.68 -34.82
CA ASN C 46 4.75 -49.36 -34.31
C ASN C 46 4.43 -50.57 -35.18
N GLN C 47 4.46 -50.40 -36.49
CA GLN C 47 4.17 -51.51 -37.38
C GLN C 47 5.25 -52.60 -37.33
N ALA C 48 6.51 -52.21 -37.13
CA ALA C 48 7.58 -53.19 -37.03
C ALA C 48 7.42 -54.02 -35.76
N VAL C 49 7.03 -53.37 -34.67
CA VAL C 49 6.82 -54.07 -33.41
C VAL C 49 5.63 -55.01 -33.50
N ALA C 50 4.55 -54.56 -34.16
CA ALA C 50 3.37 -55.41 -34.31
C ALA C 50 3.76 -56.64 -35.12
N ALA C 51 4.59 -56.46 -36.15
CA ALA C 51 5.04 -57.58 -36.97
C ALA C 51 5.90 -58.50 -36.11
N GLY C 52 6.91 -57.92 -35.47
CA GLY C 52 7.80 -58.70 -34.64
C GLY C 52 7.10 -59.49 -33.56
N ARG C 53 6.30 -58.81 -32.74
CA ARG C 53 5.59 -59.47 -31.66
C ARG C 53 4.57 -60.49 -32.15
N SER C 54 3.99 -60.27 -33.33
CA SER C 54 3.02 -61.25 -33.82
C SER C 54 3.67 -62.49 -34.46
N GLY C 55 5.01 -62.49 -34.55
CA GLY C 55 5.69 -63.66 -35.09
C GLY C 55 6.35 -63.59 -36.46
N ALA C 56 6.49 -62.40 -37.03
CA ALA C 56 7.11 -62.25 -38.34
C ALA C 56 8.64 -62.25 -38.31
N ASN C 57 9.25 -62.55 -39.46
CA ASN C 57 10.69 -62.50 -39.61
C ASN C 57 10.88 -61.11 -40.22
N ILE C 58 11.13 -60.13 -39.37
CA ILE C 58 11.21 -58.77 -39.85
C ILE C 58 12.48 -57.97 -39.54
N ALA C 59 12.88 -57.16 -40.52
CA ALA C 59 14.04 -56.28 -40.41
C ALA C 59 13.46 -54.87 -40.57
N PHE C 60 14.04 -53.91 -39.86
CA PHE C 60 13.52 -52.54 -39.90
C PHE C 60 14.52 -51.50 -40.40
N ILE C 61 14.16 -50.81 -41.48
CA ILE C 61 15.00 -49.76 -42.04
C ILE C 61 14.46 -48.46 -41.49
N ALA C 62 15.26 -47.76 -40.70
CA ALA C 62 14.82 -46.51 -40.10
C ALA C 62 16.00 -45.68 -39.61
N CYS C 63 15.72 -44.50 -39.07
CA CYS C 63 16.74 -43.60 -38.55
C CYS C 63 16.35 -43.00 -37.20
N THR C 64 17.29 -42.99 -36.26
CA THR C 64 17.06 -42.35 -34.97
C THR C 64 18.14 -41.30 -34.93
N GLY C 65 18.06 -40.41 -33.94
CA GLY C 65 19.07 -39.39 -33.80
C GLY C 65 20.20 -39.96 -32.94
N ASP C 66 21.26 -39.18 -32.75
CA ASP C 66 22.36 -39.66 -31.92
C ASP C 66 22.13 -39.25 -30.48
N ASP C 67 20.86 -39.20 -30.08
CA ASP C 67 20.52 -38.82 -28.71
C ASP C 67 20.28 -40.06 -27.85
N SER C 68 20.06 -39.84 -26.56
CA SER C 68 19.85 -40.94 -25.62
C SER C 68 18.53 -41.68 -25.87
N ILE C 69 17.48 -40.96 -26.23
CA ILE C 69 16.18 -41.59 -26.49
C ILE C 69 16.36 -42.55 -27.68
N GLY C 70 17.18 -42.13 -28.65
CA GLY C 70 17.44 -42.95 -29.83
C GLY C 70 18.13 -44.27 -29.49
N GLU C 71 19.11 -44.24 -28.59
CA GLU C 71 19.79 -45.48 -28.21
C GLU C 71 18.80 -46.35 -27.44
N SER C 72 17.96 -45.69 -26.64
CA SER C 72 16.95 -46.36 -25.85
C SER C 72 15.91 -47.09 -26.73
N VAL C 73 15.42 -46.44 -27.78
CA VAL C 73 14.42 -47.07 -28.63
C VAL C 73 15.02 -48.24 -29.41
N ARG C 74 16.26 -48.07 -29.86
CA ARG C 74 16.93 -49.13 -30.60
C ARG C 74 17.12 -50.38 -29.76
N GLN C 75 17.43 -50.21 -28.48
CA GLN C 75 17.62 -51.35 -27.59
C GLN C 75 16.27 -52.06 -27.39
N GLN C 76 15.21 -51.29 -27.19
CA GLN C 76 13.87 -51.83 -27.01
C GLN C 76 13.45 -52.63 -28.24
N LEU C 77 13.55 -52.02 -29.42
CA LEU C 77 13.15 -52.67 -30.67
C LEU C 77 13.80 -54.03 -30.86
N ALA C 78 15.04 -54.15 -30.41
CA ALA C 78 15.75 -55.42 -30.54
C ALA C 78 15.08 -56.51 -29.72
N THR C 79 14.38 -56.13 -28.65
CA THR C 79 13.71 -57.13 -27.81
C THR C 79 12.31 -57.43 -28.32
N ASP C 80 11.93 -56.78 -29.42
CA ASP C 80 10.60 -56.98 -30.00
C ASP C 80 10.65 -57.90 -31.21
N ASN C 81 11.67 -58.75 -31.25
CA ASN C 81 11.88 -59.70 -32.33
C ASN C 81 12.05 -58.99 -33.67
N ILE C 82 12.83 -57.92 -33.66
CA ILE C 82 13.10 -57.13 -34.86
C ILE C 82 14.60 -57.04 -35.14
N ASP C 83 15.00 -57.34 -36.36
CA ASP C 83 16.41 -57.21 -36.73
C ASP C 83 16.56 -55.72 -36.97
N ILE C 84 17.34 -55.06 -36.11
CA ILE C 84 17.53 -53.62 -36.20
C ILE C 84 18.82 -53.20 -36.91
N THR C 85 19.48 -54.17 -37.54
CA THR C 85 20.71 -53.88 -38.27
C THR C 85 20.52 -52.68 -39.22
N PRO C 86 19.38 -52.61 -39.92
CA PRO C 86 19.09 -51.53 -40.87
C PRO C 86 18.71 -50.19 -40.24
N VAL C 87 18.70 -50.10 -38.92
CA VAL C 87 18.35 -48.85 -38.25
C VAL C 87 19.59 -47.98 -38.08
N SER C 88 19.60 -46.85 -38.78
CA SER C 88 20.74 -45.94 -38.74
C SER C 88 20.66 -44.90 -37.64
N VAL C 89 21.84 -44.48 -37.15
CA VAL C 89 21.92 -43.44 -36.13
C VAL C 89 22.45 -42.22 -36.85
N ILE C 90 21.66 -41.16 -36.92
CA ILE C 90 22.05 -39.94 -37.61
C ILE C 90 22.75 -38.94 -36.70
N LYS C 91 24.05 -38.77 -36.91
CA LYS C 91 24.84 -37.83 -36.12
C LYS C 91 24.35 -36.39 -36.30
N GLY C 92 24.27 -35.65 -35.20
CA GLY C 92 23.82 -34.27 -35.28
C GLY C 92 22.33 -34.04 -35.39
N GLU C 93 21.55 -35.11 -35.32
CA GLU C 93 20.10 -34.96 -35.38
C GLU C 93 19.44 -35.68 -34.22
N SER C 94 18.26 -35.22 -33.84
CA SER C 94 17.55 -35.83 -32.72
C SER C 94 16.44 -36.71 -33.23
N THR C 95 16.10 -37.73 -32.45
CA THR C 95 15.04 -38.67 -32.80
C THR C 95 13.70 -37.96 -32.95
N GLY C 96 12.89 -38.44 -33.90
CA GLY C 96 11.59 -37.85 -34.13
C GLY C 96 10.75 -37.79 -32.86
N VAL C 97 9.85 -36.82 -32.79
CA VAL C 97 8.99 -36.64 -31.64
C VAL C 97 7.52 -36.49 -32.04
N ALA C 98 6.63 -36.95 -31.18
CA ALA C 98 5.20 -36.83 -31.42
C ALA C 98 4.50 -36.33 -30.15
N LEU C 99 3.59 -35.37 -30.30
CA LEU C 99 2.84 -34.83 -29.17
C LEU C 99 1.40 -35.34 -29.31
N ILE C 100 0.95 -36.10 -28.32
CA ILE C 100 -0.38 -36.70 -28.36
C ILE C 100 -1.34 -36.47 -27.19
N PHE C 101 -2.58 -36.14 -27.54
CA PHE C 101 -3.67 -35.93 -26.60
C PHE C 101 -4.59 -37.15 -26.77
N VAL C 102 -5.10 -37.71 -25.68
CA VAL C 102 -6.00 -38.86 -25.72
C VAL C 102 -7.21 -38.51 -24.86
N ASN C 103 -8.39 -38.39 -25.45
CA ASN C 103 -9.58 -38.04 -24.66
C ASN C 103 -10.18 -39.23 -23.94
N GLY C 104 -11.13 -38.95 -23.05
CA GLY C 104 -11.77 -40.01 -22.29
C GLY C 104 -12.19 -41.19 -23.13
N GLU C 105 -12.88 -40.92 -24.23
CA GLU C 105 -13.37 -41.96 -25.12
C GLU C 105 -12.29 -42.76 -25.85
N GLY C 106 -11.03 -42.36 -25.70
CA GLY C 106 -9.96 -43.09 -26.34
C GLY C 106 -9.49 -42.56 -27.67
N GLU C 107 -10.12 -41.48 -28.15
CA GLU C 107 -9.74 -40.86 -29.41
C GLU C 107 -8.43 -40.14 -29.18
N ASN C 108 -7.70 -39.84 -30.25
CA ASN C 108 -6.44 -39.13 -30.08
C ASN C 108 -6.05 -38.21 -31.24
N VAL C 109 -5.32 -37.14 -30.89
CA VAL C 109 -4.81 -36.18 -31.86
C VAL C 109 -3.27 -36.26 -31.82
N ILE C 110 -2.63 -36.17 -32.98
CA ILE C 110 -1.18 -36.30 -33.04
C ILE C 110 -0.50 -35.25 -33.91
N GLY C 111 0.56 -34.65 -33.38
CA GLY C 111 1.33 -33.66 -34.11
C GLY C 111 2.78 -34.12 -34.06
N ILE C 112 3.45 -34.26 -35.20
CA ILE C 112 4.84 -34.72 -35.16
C ILE C 112 5.92 -33.79 -35.70
N HIS C 113 7.12 -34.06 -35.21
CA HIS C 113 8.35 -33.38 -35.58
C HIS C 113 9.17 -34.50 -36.22
N ALA C 114 9.54 -34.32 -37.48
CA ALA C 114 10.28 -35.33 -38.23
C ALA C 114 11.65 -35.70 -37.66
N GLY C 115 12.47 -34.71 -37.32
CA GLY C 115 13.79 -35.04 -36.79
C GLY C 115 14.59 -35.94 -37.71
N ALA C 116 15.29 -36.93 -37.15
CA ALA C 116 16.12 -37.86 -37.92
C ALA C 116 15.35 -38.66 -38.97
N ASN C 117 14.02 -38.75 -38.83
CA ASN C 117 13.22 -39.48 -39.79
C ASN C 117 13.31 -38.85 -41.18
N ALA C 118 13.57 -37.54 -41.21
CA ALA C 118 13.71 -36.83 -42.47
C ALA C 118 15.00 -37.24 -43.18
N ALA C 119 15.91 -37.88 -42.45
CA ALA C 119 17.19 -38.30 -43.01
C ALA C 119 17.17 -39.68 -43.66
N LEU C 120 16.05 -40.39 -43.60
CA LEU C 120 15.98 -41.70 -44.23
C LEU C 120 15.82 -41.38 -45.72
N SER C 121 16.97 -41.28 -46.40
CA SER C 121 17.03 -40.90 -47.81
C SER C 121 17.09 -42.03 -48.84
N PRO C 122 16.95 -41.65 -50.13
CA PRO C 122 17.01 -42.62 -51.22
C PRO C 122 18.35 -43.35 -51.15
N ALA C 123 19.38 -42.63 -50.73
CA ALA C 123 20.71 -43.19 -50.60
C ALA C 123 20.72 -44.31 -49.56
N LEU C 124 20.10 -44.05 -48.41
CA LEU C 124 20.05 -45.09 -47.37
C LEU C 124 19.23 -46.27 -47.88
N VAL C 125 18.25 -45.97 -48.72
CA VAL C 125 17.41 -47.02 -49.30
C VAL C 125 18.23 -47.85 -50.26
N GLU C 126 19.00 -47.19 -51.12
CA GLU C 126 19.85 -47.87 -52.10
C GLU C 126 20.81 -48.80 -51.39
N ALA C 127 21.27 -48.39 -50.20
CA ALA C 127 22.20 -49.22 -49.44
C ALA C 127 21.52 -50.51 -48.97
N GLN C 128 20.19 -50.52 -48.99
CA GLN C 128 19.44 -51.71 -48.58
C GLN C 128 18.86 -52.46 -49.79
N ARG C 129 19.34 -52.15 -50.98
CA ARG C 129 18.83 -52.79 -52.19
C ARG C 129 18.69 -54.31 -52.11
N GLU C 130 19.76 -54.98 -51.70
CA GLU C 130 19.73 -56.42 -51.63
C GLU C 130 18.77 -56.95 -50.57
N ARG C 131 18.67 -56.25 -49.44
CA ARG C 131 17.78 -56.66 -48.36
C ARG C 131 16.33 -56.60 -48.85
N ILE C 132 16.01 -55.52 -49.55
CA ILE C 132 14.67 -55.33 -50.08
C ILE C 132 14.38 -56.33 -51.21
N ALA C 133 15.35 -56.54 -52.10
CA ALA C 133 15.17 -57.46 -53.22
C ALA C 133 14.96 -58.90 -52.75
N ASN C 134 15.60 -59.27 -51.65
CA ASN C 134 15.44 -60.64 -51.13
C ASN C 134 14.24 -60.84 -50.23
N ALA C 135 13.61 -59.76 -49.81
CA ALA C 135 12.46 -59.85 -48.92
C ALA C 135 11.21 -60.32 -49.65
N SER C 136 10.30 -60.96 -48.92
CA SER C 136 9.05 -61.42 -49.50
C SER C 136 8.09 -60.24 -49.58
N ALA C 137 8.24 -59.31 -48.64
CA ALA C 137 7.38 -58.12 -48.61
C ALA C 137 8.04 -56.90 -47.96
N LEU C 138 7.58 -55.74 -48.37
CA LEU C 138 8.04 -54.43 -47.90
C LEU C 138 6.83 -53.64 -47.40
N LEU C 139 6.85 -53.23 -46.13
CA LEU C 139 5.74 -52.47 -45.54
C LEU C 139 6.22 -51.06 -45.22
N MET C 140 5.51 -50.06 -45.74
CA MET C 140 5.89 -48.67 -45.52
C MET C 140 4.69 -47.80 -45.19
N GLN C 141 4.94 -46.62 -44.66
CA GLN C 141 3.90 -45.65 -44.33
C GLN C 141 4.38 -44.33 -44.93
N LEU C 142 3.76 -43.22 -44.55
CA LEU C 142 4.14 -41.92 -45.10
C LEU C 142 4.77 -40.95 -44.09
N GLU C 143 5.47 -41.47 -43.10
CA GLU C 143 6.14 -40.59 -42.16
C GLU C 143 7.63 -40.53 -42.50
N SER C 144 7.96 -41.02 -43.69
CA SER C 144 9.33 -41.00 -44.20
C SER C 144 9.26 -40.22 -45.50
N PRO C 145 10.40 -39.69 -45.97
CA PRO C 145 10.41 -38.92 -47.22
C PRO C 145 9.79 -39.72 -48.37
N LEU C 146 8.90 -39.09 -49.13
CA LEU C 146 8.25 -39.76 -50.24
C LEU C 146 9.25 -40.29 -51.25
N GLU C 147 10.30 -39.51 -51.52
CA GLU C 147 11.32 -39.91 -52.49
C GLU C 147 11.93 -41.25 -52.07
N SER C 148 12.04 -41.45 -50.76
CA SER C 148 12.61 -42.70 -50.25
C SER C 148 11.60 -43.83 -50.38
N VAL C 149 10.34 -43.55 -50.09
CA VAL C 149 9.30 -44.56 -50.19
C VAL C 149 9.19 -44.99 -51.66
N MET C 150 9.31 -44.02 -52.57
CA MET C 150 9.24 -44.28 -53.99
C MET C 150 10.39 -45.16 -54.43
N ALA C 151 11.59 -44.80 -54.00
CA ALA C 151 12.79 -45.55 -54.34
C ALA C 151 12.72 -47.01 -53.86
N ALA C 152 12.24 -47.19 -52.64
CA ALA C 152 12.12 -48.52 -52.06
C ALA C 152 11.08 -49.34 -52.80
N ALA C 153 9.98 -48.69 -53.16
CA ALA C 153 8.90 -49.32 -53.89
C ALA C 153 9.40 -49.84 -55.23
N LYS C 154 10.20 -49.02 -55.93
CA LYS C 154 10.75 -49.42 -57.22
C LYS C 154 11.65 -50.64 -57.10
N ILE C 155 12.52 -50.66 -56.09
CA ILE C 155 13.41 -51.80 -55.91
C ILE C 155 12.57 -53.05 -55.67
N ALA C 156 11.62 -52.94 -54.75
CA ALA C 156 10.74 -54.07 -54.43
C ALA C 156 10.05 -54.57 -55.69
N HIS C 157 9.50 -53.64 -56.47
CA HIS C 157 8.79 -53.97 -57.70
C HIS C 157 9.67 -54.76 -58.66
N GLN C 158 10.87 -54.24 -58.93
CA GLN C 158 11.84 -54.88 -59.81
C GLN C 158 12.18 -56.29 -59.38
N ASN C 159 12.00 -56.58 -58.09
CA ASN C 159 12.38 -57.88 -57.58
C ASN C 159 11.25 -58.75 -57.05
N LYS C 160 10.03 -58.48 -57.51
CA LYS C 160 8.89 -59.28 -57.09
C LYS C 160 8.73 -59.32 -55.56
N THR C 161 9.06 -58.22 -54.90
CA THR C 161 8.89 -58.13 -53.46
C THR C 161 7.56 -57.41 -53.29
N ILE C 162 6.65 -58.02 -52.52
CA ILE C 162 5.34 -57.44 -52.30
C ILE C 162 5.43 -56.06 -51.65
N VAL C 163 4.69 -55.10 -52.20
CA VAL C 163 4.71 -53.75 -51.65
C VAL C 163 3.41 -53.46 -50.91
N ALA C 164 3.51 -53.33 -49.58
CA ALA C 164 2.34 -53.02 -48.76
C ALA C 164 2.51 -51.59 -48.28
N LEU C 165 1.54 -50.73 -48.61
CA LEU C 165 1.61 -49.32 -48.21
C LEU C 165 0.45 -48.84 -47.35
N ASN C 166 0.78 -48.39 -46.14
CA ASN C 166 -0.22 -47.83 -45.23
C ASN C 166 -0.07 -46.33 -45.51
N PRO C 167 -0.98 -45.76 -46.31
CA PRO C 167 -0.99 -44.35 -46.69
C PRO C 167 -1.30 -43.37 -45.58
N ALA C 168 -0.52 -43.41 -44.51
CA ALA C 168 -0.73 -42.52 -43.37
C ALA C 168 0.57 -41.86 -42.96
N PRO C 169 0.52 -40.58 -42.53
CA PRO C 169 -0.64 -39.71 -42.42
C PRO C 169 -1.28 -39.41 -43.77
N ALA C 170 -2.55 -39.03 -43.76
CA ALA C 170 -3.28 -38.76 -45.00
C ALA C 170 -2.64 -37.71 -45.91
N ARG C 171 -2.64 -37.99 -47.21
CA ARG C 171 -2.10 -37.08 -48.22
C ARG C 171 -2.30 -37.67 -49.61
N GLU C 172 -2.18 -36.82 -50.62
CA GLU C 172 -2.33 -37.30 -52.00
C GLU C 172 -1.02 -37.93 -52.40
N LEU C 173 -1.07 -38.92 -53.29
CA LEU C 173 0.12 -39.62 -53.74
C LEU C 173 0.16 -39.68 -55.26
N PRO C 174 1.35 -39.53 -55.86
CA PRO C 174 1.48 -39.59 -57.32
C PRO C 174 1.08 -40.96 -57.84
N ASP C 175 0.52 -41.01 -59.05
CA ASP C 175 0.11 -42.28 -59.63
C ASP C 175 1.33 -43.19 -59.78
N GLU C 176 2.50 -42.61 -59.99
CA GLU C 176 3.73 -43.38 -60.14
C GLU C 176 3.99 -44.29 -58.94
N LEU C 177 3.66 -43.83 -57.75
CA LEU C 177 3.86 -44.66 -56.55
C LEU C 177 2.76 -45.71 -56.45
N LEU C 178 1.51 -45.26 -56.55
CA LEU C 178 0.35 -46.13 -56.45
C LEU C 178 0.43 -47.32 -57.41
N ALA C 179 1.00 -47.09 -58.59
CA ALA C 179 1.12 -48.15 -59.58
C ALA C 179 2.00 -49.30 -59.09
N LEU C 180 2.92 -48.99 -58.18
CA LEU C 180 3.85 -49.97 -57.65
C LEU C 180 3.32 -50.74 -56.43
N VAL C 181 2.17 -50.35 -55.90
CA VAL C 181 1.64 -51.00 -54.70
C VAL C 181 0.79 -52.25 -54.95
N ASP C 182 1.02 -53.26 -54.12
CA ASP C 182 0.26 -54.51 -54.20
C ASP C 182 -0.89 -54.49 -53.18
N ILE C 183 -0.60 -53.97 -52.00
CA ILE C 183 -1.59 -53.89 -50.93
C ILE C 183 -1.57 -52.50 -50.29
N ILE C 184 -2.70 -51.80 -50.31
CA ILE C 184 -2.79 -50.48 -49.70
C ILE C 184 -3.86 -50.52 -48.60
N THR C 185 -3.55 -49.93 -47.46
CA THR C 185 -4.43 -49.96 -46.29
C THR C 185 -4.85 -48.59 -45.74
N PRO C 186 -5.59 -47.81 -46.52
CA PRO C 186 -6.02 -46.51 -46.03
C PRO C 186 -7.18 -46.63 -45.07
N ASN C 187 -7.35 -45.67 -44.18
CA ASN C 187 -8.51 -45.68 -43.32
C ASN C 187 -9.48 -44.85 -44.16
N GLU C 188 -10.62 -44.48 -43.59
CA GLU C 188 -11.61 -43.71 -44.35
C GLU C 188 -11.14 -42.34 -44.83
N THR C 189 -10.52 -41.56 -43.95
CA THR C 189 -10.03 -40.24 -44.32
C THR C 189 -8.96 -40.34 -45.40
N GLU C 190 -8.10 -41.34 -45.29
CA GLU C 190 -7.04 -41.54 -46.26
C GLU C 190 -7.59 -42.03 -47.61
N ALA C 191 -8.63 -42.84 -47.57
CA ALA C 191 -9.22 -43.35 -48.80
C ALA C 191 -9.80 -42.16 -49.56
N GLU C 192 -10.54 -41.33 -48.83
CA GLU C 192 -11.14 -40.15 -49.41
C GLU C 192 -10.10 -39.19 -49.95
N LYS C 193 -8.99 -39.03 -49.24
CA LYS C 193 -7.95 -38.11 -49.70
C LYS C 193 -7.25 -38.61 -50.96
N LEU C 194 -7.21 -39.93 -51.13
CA LEU C 194 -6.55 -40.53 -52.29
C LEU C 194 -7.45 -40.68 -53.50
N THR C 195 -8.74 -40.82 -53.28
CA THR C 195 -9.69 -41.04 -54.37
C THR C 195 -10.69 -39.91 -54.57
N GLY C 196 -10.74 -38.97 -53.63
CA GLY C 196 -11.70 -37.89 -53.74
C GLY C 196 -13.10 -38.35 -53.39
N ILE C 197 -13.21 -39.58 -52.89
CA ILE C 197 -14.53 -40.14 -52.52
C ILE C 197 -14.66 -40.35 -51.02
N ARG C 198 -15.66 -39.71 -50.41
CA ARG C 198 -15.89 -39.89 -48.98
C ARG C 198 -16.44 -41.28 -48.75
N VAL C 199 -15.83 -42.01 -47.84
CA VAL C 199 -16.30 -43.35 -47.55
C VAL C 199 -17.18 -43.26 -46.32
N GLU C 200 -18.49 -43.42 -46.50
CA GLU C 200 -19.41 -43.36 -45.38
C GLU C 200 -20.02 -44.72 -45.13
N ASN C 201 -20.27 -45.45 -46.21
CA ASN C 201 -20.86 -46.78 -46.11
C ASN C 201 -20.19 -47.72 -47.08
N ASP C 202 -20.57 -48.98 -47.02
CA ASP C 202 -19.99 -50.01 -47.88
C ASP C 202 -20.16 -49.70 -49.36
N GLU C 203 -21.08 -48.80 -49.69
CA GLU C 203 -21.29 -48.43 -51.08
C GLU C 203 -20.11 -47.55 -51.45
N ASP C 204 -19.83 -46.56 -50.61
CA ASP C 204 -18.71 -45.67 -50.87
C ASP C 204 -17.39 -46.45 -50.95
N ALA C 205 -17.09 -47.23 -49.90
CA ALA C 205 -15.86 -48.03 -49.83
C ALA C 205 -15.54 -48.72 -51.15
N ALA C 206 -16.50 -49.45 -51.70
CA ALA C 206 -16.29 -50.15 -52.96
C ALA C 206 -15.90 -49.16 -54.07
N LYS C 207 -16.57 -48.02 -54.12
CA LYS C 207 -16.28 -47.02 -55.14
C LYS C 207 -14.87 -46.46 -54.95
N ALA C 208 -14.48 -46.22 -53.70
CA ALA C 208 -13.15 -45.70 -53.42
C ALA C 208 -12.12 -46.75 -53.80
N ALA C 209 -12.42 -48.01 -53.50
CA ALA C 209 -11.53 -49.12 -53.81
C ALA C 209 -11.34 -49.30 -55.31
N GLN C 210 -12.41 -49.10 -56.09
CA GLN C 210 -12.31 -49.26 -57.54
C GLN C 210 -11.32 -48.25 -58.10
N VAL C 211 -11.35 -47.03 -57.58
CA VAL C 211 -10.42 -45.99 -58.03
C VAL C 211 -8.98 -46.47 -57.82
N LEU C 212 -8.71 -47.03 -56.64
CA LEU C 212 -7.37 -47.50 -56.33
C LEU C 212 -7.01 -48.71 -57.18
N HIS C 213 -7.98 -49.57 -57.47
CA HIS C 213 -7.71 -50.74 -58.31
C HIS C 213 -7.30 -50.24 -59.69
N GLU C 214 -7.98 -49.21 -60.17
CA GLU C 214 -7.69 -48.63 -61.48
C GLU C 214 -6.35 -47.93 -61.51
N LYS C 215 -5.84 -47.55 -60.35
CA LYS C 215 -4.53 -46.89 -60.25
C LYS C 215 -3.47 -47.98 -60.28
N GLY C 216 -3.92 -49.24 -60.29
CA GLY C 216 -2.98 -50.35 -60.33
C GLY C 216 -2.79 -51.16 -59.05
N ILE C 217 -3.58 -50.89 -58.02
CA ILE C 217 -3.46 -51.63 -56.76
C ILE C 217 -4.47 -52.78 -56.67
N ARG C 218 -3.96 -54.00 -56.69
CA ARG C 218 -4.81 -55.19 -56.66
C ARG C 218 -5.60 -55.44 -55.37
N THR C 219 -4.94 -55.29 -54.24
CA THR C 219 -5.60 -55.52 -52.96
C THR C 219 -5.77 -54.23 -52.18
N VAL C 220 -7.02 -53.82 -51.98
CA VAL C 220 -7.31 -52.60 -51.26
C VAL C 220 -8.10 -52.94 -50.00
N LEU C 221 -7.58 -52.51 -48.85
CA LEU C 221 -8.24 -52.78 -47.58
C LEU C 221 -8.50 -51.43 -46.90
N ILE C 222 -9.75 -51.02 -46.87
CA ILE C 222 -10.13 -49.75 -46.26
C ILE C 222 -10.63 -50.02 -44.86
N THR C 223 -9.85 -49.62 -43.86
CA THR C 223 -10.24 -49.83 -42.47
C THR C 223 -11.38 -48.90 -42.14
N LEU C 224 -12.36 -49.42 -41.40
CA LEU C 224 -13.54 -48.67 -41.04
C LEU C 224 -13.68 -48.48 -39.53
N GLY C 225 -12.56 -48.37 -38.83
CA GLY C 225 -12.62 -48.20 -37.39
C GLY C 225 -13.21 -49.42 -36.71
N SER C 226 -14.26 -49.23 -35.92
CA SER C 226 -14.89 -50.34 -35.22
C SER C 226 -15.77 -51.16 -36.16
N ARG C 227 -15.99 -50.68 -37.39
CA ARG C 227 -16.79 -51.45 -38.34
C ARG C 227 -15.95 -52.48 -39.11
N GLY C 228 -14.69 -52.64 -38.73
CA GLY C 228 -13.86 -53.61 -39.42
C GLY C 228 -13.15 -53.02 -40.63
N VAL C 229 -13.23 -53.73 -41.76
CA VAL C 229 -12.56 -53.27 -42.95
C VAL C 229 -13.25 -53.73 -44.23
N TRP C 230 -13.15 -52.90 -45.26
CA TRP C 230 -13.72 -53.27 -46.54
C TRP C 230 -12.58 -53.84 -47.35
N ALA C 231 -12.56 -55.17 -47.48
CA ALA C 231 -11.51 -55.88 -48.23
C ALA C 231 -11.89 -56.09 -49.69
N SER C 232 -11.04 -55.63 -50.59
CA SER C 232 -11.33 -55.77 -52.00
C SER C 232 -10.10 -56.16 -52.85
N VAL C 233 -10.27 -57.23 -53.62
CA VAL C 233 -9.21 -57.73 -54.51
C VAL C 233 -9.71 -57.54 -55.95
N ASN C 234 -9.12 -56.58 -56.65
CA ASN C 234 -9.52 -56.25 -58.02
C ASN C 234 -11.02 -56.19 -58.25
N GLY C 235 -11.70 -55.35 -57.47
CA GLY C 235 -13.13 -55.17 -57.64
C GLY C 235 -14.06 -56.08 -56.86
N GLU C 236 -13.58 -57.27 -56.48
CA GLU C 236 -14.42 -58.19 -55.73
C GLU C 236 -14.19 -57.93 -54.24
N GLY C 237 -15.09 -57.19 -53.61
CA GLY C 237 -14.92 -56.89 -52.20
C GLY C 237 -15.96 -57.47 -51.27
N GLN C 238 -15.63 -57.47 -49.97
CA GLN C 238 -16.51 -57.95 -48.92
C GLN C 238 -16.10 -57.25 -47.63
N ARG C 239 -17.05 -57.06 -46.72
CA ARG C 239 -16.68 -56.39 -45.48
C ARG C 239 -16.31 -57.46 -44.47
N VAL C 240 -15.26 -57.18 -43.69
CA VAL C 240 -14.84 -58.11 -42.66
C VAL C 240 -14.92 -57.35 -41.35
N PRO C 241 -15.93 -57.69 -40.54
CA PRO C 241 -16.14 -57.05 -39.24
C PRO C 241 -14.98 -57.34 -38.30
N GLY C 242 -14.70 -56.37 -37.42
CA GLY C 242 -13.64 -56.53 -36.45
C GLY C 242 -14.26 -57.10 -35.18
N PHE C 243 -13.56 -56.99 -34.05
CA PHE C 243 -14.13 -57.50 -32.82
C PHE C 243 -14.58 -56.32 -31.97
N ARG C 244 -15.66 -56.51 -31.22
CA ARG C 244 -16.16 -55.41 -30.40
C ARG C 244 -15.44 -55.31 -29.07
N VAL C 245 -14.86 -54.16 -28.77
CA VAL C 245 -14.19 -53.97 -27.49
C VAL C 245 -14.31 -52.53 -26.99
N GLN C 246 -14.33 -52.38 -25.67
CA GLN C 246 -14.41 -51.06 -25.06
C GLN C 246 -13.01 -50.50 -25.15
N ALA C 247 -12.86 -49.49 -25.98
CA ALA C 247 -11.58 -48.86 -26.23
C ALA C 247 -11.11 -47.96 -25.11
N VAL C 248 -9.80 -47.84 -24.97
CA VAL C 248 -9.22 -46.96 -23.97
C VAL C 248 -8.28 -46.01 -24.72
N ASP C 249 -7.65 -46.54 -25.76
CA ASP C 249 -6.66 -45.80 -26.53
C ASP C 249 -6.55 -46.44 -27.92
N THR C 250 -6.91 -45.73 -28.98
CA THR C 250 -6.81 -46.31 -30.31
C THR C 250 -5.59 -45.86 -31.09
N ILE C 251 -4.62 -45.30 -30.37
CA ILE C 251 -3.39 -44.87 -31.01
C ILE C 251 -2.73 -46.16 -31.48
N ALA C 252 -2.25 -46.20 -32.71
CA ALA C 252 -1.59 -47.44 -33.15
C ALA C 252 -2.53 -48.60 -33.46
N ALA C 253 -3.84 -48.34 -33.51
CA ALA C 253 -4.77 -49.42 -33.83
C ALA C 253 -4.48 -49.85 -35.25
N GLY C 254 -4.40 -48.88 -36.16
CA GLY C 254 -4.11 -49.16 -37.55
C GLY C 254 -2.74 -49.76 -37.75
N ASP C 255 -1.76 -49.20 -37.06
CA ASP C 255 -0.39 -49.69 -37.16
C ASP C 255 -0.32 -51.17 -36.76
N THR C 256 -1.04 -51.54 -35.71
CA THR C 256 -1.05 -52.92 -35.26
C THR C 256 -1.72 -53.80 -36.31
N PHE C 257 -2.78 -53.29 -36.91
CA PHE C 257 -3.52 -53.99 -37.96
C PHE C 257 -2.57 -54.34 -39.11
N ASN C 258 -1.81 -53.35 -39.55
CA ASN C 258 -0.86 -53.57 -40.64
C ASN C 258 0.24 -54.58 -40.34
N GLY C 259 0.89 -54.42 -39.19
CA GLY C 259 1.96 -55.33 -38.83
C GLY C 259 1.47 -56.76 -38.73
N ALA C 260 0.34 -56.94 -38.05
CA ALA C 260 -0.24 -58.27 -37.85
C ALA C 260 -0.75 -58.86 -39.17
N LEU C 261 -1.30 -58.00 -40.03
CA LEU C 261 -1.82 -58.43 -41.32
C LEU C 261 -0.72 -59.09 -42.15
N ILE C 262 0.38 -58.37 -42.34
CA ILE C 262 1.48 -58.88 -43.15
C ILE C 262 2.08 -60.16 -42.58
N THR C 263 2.11 -60.26 -41.25
CA THR C 263 2.64 -61.47 -40.63
C THR C 263 1.76 -62.66 -41.03
N ALA C 264 0.45 -62.46 -40.98
CA ALA C 264 -0.49 -63.51 -41.31
C ALA C 264 -0.42 -63.87 -42.79
N LEU C 265 -0.29 -62.88 -43.67
CA LEU C 265 -0.20 -63.16 -45.09
C LEU C 265 1.08 -63.91 -45.41
N LEU C 266 2.18 -63.56 -44.74
CA LEU C 266 3.44 -64.23 -45.00
C LEU C 266 3.44 -65.67 -44.49
N GLU C 267 2.49 -66.00 -43.60
CA GLU C 267 2.39 -67.36 -43.12
C GLU C 267 1.45 -68.12 -44.04
N GLU C 268 1.13 -67.49 -45.16
CA GLU C 268 0.24 -68.06 -46.16
C GLU C 268 -1.20 -68.25 -45.73
N LYS C 269 -1.66 -67.42 -44.80
CA LYS C 269 -3.06 -67.51 -44.38
C LYS C 269 -3.86 -66.74 -45.43
N PRO C 270 -4.98 -67.32 -45.88
CA PRO C 270 -5.79 -66.61 -46.88
C PRO C 270 -6.20 -65.23 -46.37
N LEU C 271 -6.39 -64.29 -47.28
CA LEU C 271 -6.73 -62.91 -46.93
C LEU C 271 -7.76 -62.72 -45.81
N PRO C 272 -8.95 -63.35 -45.92
CA PRO C 272 -9.99 -63.22 -44.90
C PRO C 272 -9.48 -63.58 -43.50
N GLU C 273 -8.83 -64.74 -43.40
CA GLU C 273 -8.29 -65.21 -42.14
C GLU C 273 -7.20 -64.24 -41.66
N ALA C 274 -6.35 -63.79 -42.58
CA ALA C 274 -5.28 -62.87 -42.22
C ALA C 274 -5.86 -61.60 -41.62
N ILE C 275 -6.94 -61.09 -42.22
CA ILE C 275 -7.57 -59.89 -41.72
C ILE C 275 -8.16 -60.13 -40.33
N ARG C 276 -8.65 -61.35 -40.10
CA ARG C 276 -9.23 -61.63 -38.80
C ARG C 276 -8.12 -61.64 -37.77
N PHE C 277 -6.98 -62.20 -38.14
CA PHE C 277 -5.81 -62.25 -37.27
C PHE C 277 -5.44 -60.82 -36.92
N ALA C 278 -5.44 -59.96 -37.93
CA ALA C 278 -5.11 -58.55 -37.76
C ALA C 278 -6.14 -57.82 -36.87
N HIS C 279 -7.43 -58.10 -37.08
CA HIS C 279 -8.47 -57.48 -36.24
C HIS C 279 -8.27 -57.83 -34.77
N ALA C 280 -7.89 -59.08 -34.51
CA ALA C 280 -7.69 -59.53 -33.14
C ALA C 280 -6.56 -58.75 -32.48
N ALA C 281 -5.43 -58.66 -33.15
CA ALA C 281 -4.29 -57.93 -32.62
C ALA C 281 -4.65 -56.47 -32.38
N ALA C 282 -5.36 -55.86 -33.33
CA ALA C 282 -5.75 -54.47 -33.22
C ALA C 282 -6.76 -54.25 -32.09
N ALA C 283 -7.70 -55.18 -31.95
CA ALA C 283 -8.72 -55.08 -30.91
C ALA C 283 -8.02 -55.04 -29.55
N ILE C 284 -7.09 -55.96 -29.34
CA ILE C 284 -6.33 -56.01 -28.08
C ILE C 284 -5.58 -54.69 -27.90
N ALA C 285 -4.98 -54.19 -28.98
CA ALA C 285 -4.23 -52.95 -28.92
C ALA C 285 -5.10 -51.78 -28.45
N VAL C 286 -6.34 -51.70 -28.93
CA VAL C 286 -7.20 -50.57 -28.52
C VAL C 286 -7.62 -50.62 -27.06
N THR C 287 -7.44 -51.76 -26.40
CA THR C 287 -7.81 -51.85 -24.99
C THR C 287 -6.61 -51.55 -24.09
N ARG C 288 -5.53 -51.02 -24.68
CA ARG C 288 -4.32 -50.69 -23.92
C ARG C 288 -3.87 -49.25 -24.21
N LYS C 289 -2.98 -48.73 -23.37
CA LYS C 289 -2.50 -47.34 -23.52
C LYS C 289 -1.16 -47.22 -24.23
N GLY C 290 -0.97 -46.13 -24.97
CA GLY C 290 0.27 -45.93 -25.69
C GLY C 290 0.35 -46.66 -27.02
N ALA C 291 1.34 -46.33 -27.84
CA ALA C 291 1.49 -46.97 -29.14
C ALA C 291 2.12 -48.36 -29.00
N GLN C 292 3.45 -48.39 -28.92
CA GLN C 292 4.13 -49.68 -28.81
C GLN C 292 3.78 -50.51 -27.58
N PRO C 293 3.56 -49.88 -26.43
CA PRO C 293 3.22 -50.66 -25.24
C PRO C 293 1.89 -51.43 -25.41
N SER C 294 1.03 -50.93 -26.29
CA SER C 294 -0.27 -51.60 -26.49
C SER C 294 -0.24 -52.71 -27.52
N VAL C 295 0.87 -52.86 -28.24
CA VAL C 295 0.97 -53.91 -29.26
C VAL C 295 1.09 -55.30 -28.63
N PRO C 296 0.12 -56.19 -28.90
CA PRO C 296 0.06 -57.56 -28.39
C PRO C 296 1.06 -58.55 -28.99
N TRP C 297 1.36 -59.60 -28.24
CA TRP C 297 2.26 -60.64 -28.71
C TRP C 297 1.45 -61.78 -29.34
N ARG C 298 2.12 -62.63 -30.11
CA ARG C 298 1.48 -63.74 -30.79
C ARG C 298 0.66 -64.64 -29.89
N GLU C 299 1.21 -65.04 -28.74
CA GLU C 299 0.47 -65.90 -27.82
C GLU C 299 -0.84 -65.22 -27.42
N GLU C 300 -0.79 -63.92 -27.18
CA GLU C 300 -1.98 -63.17 -26.80
C GLU C 300 -2.98 -63.14 -27.96
N ILE C 301 -2.48 -62.90 -29.16
CA ILE C 301 -3.36 -62.83 -30.32
C ILE C 301 -4.07 -64.17 -30.55
N ASP C 302 -3.33 -65.27 -30.54
CA ASP C 302 -3.95 -66.57 -30.73
C ASP C 302 -4.94 -66.87 -29.61
N ALA C 303 -4.57 -66.53 -28.37
CA ALA C 303 -5.44 -66.76 -27.23
C ALA C 303 -6.77 -66.07 -27.49
N PHE C 304 -6.70 -64.78 -27.82
CA PHE C 304 -7.90 -64.01 -28.10
C PHE C 304 -8.69 -64.67 -29.22
N LEU C 305 -7.98 -65.17 -30.24
CA LEU C 305 -8.63 -65.81 -31.37
C LEU C 305 -9.33 -67.13 -31.13
N ASP C 306 -8.62 -68.11 -30.58
CA ASP C 306 -9.25 -69.40 -30.38
C ASP C 306 -10.61 -69.28 -29.69
N ARG C 307 -10.97 -68.06 -29.29
CA ARG C 307 -12.27 -67.81 -28.66
C ARG C 307 -13.25 -67.15 -29.62
N GLN C 308 -12.72 -66.49 -30.64
CA GLN C 308 -13.57 -65.78 -31.58
C GLN C 308 -13.94 -66.56 -32.83
N ARG C 309 -13.27 -67.68 -33.05
CA ARG C 309 -13.52 -68.47 -34.24
C ARG C 309 -12.92 -69.87 -34.10
N ALA D 4 13.01 -0.91 -3.48
CA ALA D 4 11.70 -1.53 -3.82
C ALA D 4 11.41 -2.71 -2.89
N GLY D 5 10.14 -2.90 -2.56
CA GLY D 5 9.76 -4.00 -1.68
C GLY D 5 10.07 -5.34 -2.30
N SER D 6 9.96 -6.39 -1.49
CA SER D 6 10.25 -7.73 -1.99
C SER D 6 9.00 -8.40 -2.57
N LEU D 7 9.21 -9.18 -3.62
CA LEU D 7 8.13 -9.91 -4.27
C LEU D 7 8.32 -11.41 -4.11
N VAL D 8 7.21 -12.10 -3.87
CA VAL D 8 7.24 -13.54 -3.76
C VAL D 8 6.25 -14.10 -4.79
N VAL D 9 6.75 -14.92 -5.70
CA VAL D 9 5.92 -15.55 -6.71
C VAL D 9 5.74 -17.00 -6.30
N LEU D 10 4.50 -17.46 -6.27
CA LEU D 10 4.20 -18.84 -5.91
C LEU D 10 3.44 -19.43 -7.08
N GLY D 11 4.05 -20.44 -7.72
CA GLY D 11 3.43 -21.06 -8.86
C GLY D 11 4.14 -22.25 -9.45
N SER D 12 3.70 -22.62 -10.65
CA SER D 12 4.21 -23.78 -11.37
C SER D 12 5.48 -23.61 -12.17
N ILE D 13 6.08 -24.76 -12.47
CA ILE D 13 7.26 -24.85 -13.30
C ILE D 13 6.96 -25.97 -14.29
N ASN D 14 7.14 -25.67 -15.57
CA ASN D 14 6.88 -26.63 -16.63
C ASN D 14 8.00 -26.68 -17.65
N ALA D 15 8.03 -27.77 -18.39
CA ALA D 15 8.97 -27.95 -19.47
C ALA D 15 8.00 -27.94 -20.64
N ASP D 16 8.11 -26.92 -21.50
CA ASP D 16 7.23 -26.83 -22.65
C ASP D 16 7.77 -27.54 -23.89
N HIS D 17 6.95 -28.39 -24.48
CA HIS D 17 7.30 -29.10 -25.71
C HIS D 17 6.42 -28.39 -26.71
N ILE D 18 7.02 -27.58 -27.57
CA ILE D 18 6.25 -26.77 -28.52
C ILE D 18 6.39 -27.16 -29.99
N LEU D 19 5.26 -27.44 -30.61
CA LEU D 19 5.24 -27.83 -32.02
C LEU D 19 4.43 -26.85 -32.85
N ASN D 20 5.10 -26.20 -33.81
CA ASN D 20 4.43 -25.28 -34.71
C ASN D 20 3.85 -26.10 -35.85
N LEU D 21 2.62 -25.78 -36.24
CA LEU D 21 1.98 -26.54 -37.29
C LEU D 21 0.88 -25.78 -38.01
N GLN D 22 0.74 -26.08 -39.29
CA GLN D 22 -0.24 -25.42 -40.17
C GLN D 22 -1.55 -25.20 -39.43
N SER D 23 -2.20 -26.29 -39.06
CA SER D 23 -3.46 -26.21 -38.34
C SER D 23 -3.55 -27.40 -37.39
N PHE D 24 -4.19 -27.18 -36.25
CA PHE D 24 -4.35 -28.21 -35.23
C PHE D 24 -4.83 -29.51 -35.83
N PRO D 25 -4.33 -30.64 -35.31
CA PRO D 25 -4.75 -31.94 -35.82
C PRO D 25 -6.16 -32.24 -35.33
N THR D 26 -6.94 -32.94 -36.13
CA THR D 26 -8.32 -33.31 -35.75
C THR D 26 -8.31 -34.79 -35.38
N PRO D 27 -9.31 -35.26 -34.60
CA PRO D 27 -9.36 -36.67 -34.19
C PRO D 27 -8.97 -37.72 -35.23
N GLY D 28 -8.01 -38.56 -34.85
CA GLY D 28 -7.52 -39.61 -35.73
C GLY D 28 -6.54 -39.16 -36.81
N GLU D 29 -6.33 -37.85 -36.93
CA GLU D 29 -5.44 -37.31 -37.95
C GLU D 29 -4.08 -36.95 -37.37
N THR D 30 -3.02 -37.42 -38.03
CA THR D 30 -1.67 -37.11 -37.61
C THR D 30 -1.19 -35.93 -38.46
N VAL D 31 -0.70 -34.88 -37.81
CA VAL D 31 -0.22 -33.72 -38.53
C VAL D 31 1.27 -33.51 -38.31
N THR D 32 1.97 -33.03 -39.34
CA THR D 32 3.41 -32.78 -39.24
C THR D 32 3.64 -31.31 -38.96
N GLY D 33 4.53 -31.02 -38.01
CA GLY D 33 4.82 -29.64 -37.67
C GLY D 33 5.99 -29.13 -38.46
N ASN D 34 6.27 -27.83 -38.40
CA ASN D 34 7.38 -27.26 -39.16
C ASN D 34 8.49 -26.75 -38.24
N HIS D 35 8.32 -26.98 -36.94
CA HIS D 35 9.30 -26.54 -35.96
C HIS D 35 8.93 -27.02 -34.56
N TYR D 36 9.94 -27.53 -33.85
CA TYR D 36 9.78 -28.08 -32.51
C TYR D 36 10.72 -27.34 -31.56
N GLN D 37 10.31 -27.21 -30.30
CA GLN D 37 11.11 -26.52 -29.29
C GLN D 37 10.80 -26.96 -27.86
N VAL D 38 11.85 -27.30 -27.12
CA VAL D 38 11.71 -27.67 -25.72
C VAL D 38 12.30 -26.50 -24.96
N ALA D 39 11.45 -25.81 -24.19
CA ALA D 39 11.87 -24.66 -23.42
C ALA D 39 11.18 -24.62 -22.06
N PHE D 40 11.72 -23.79 -21.18
CA PHE D 40 11.18 -23.64 -19.84
C PHE D 40 9.88 -22.87 -19.84
N GLY D 41 8.91 -23.37 -19.08
CA GLY D 41 7.63 -22.71 -19.03
C GLY D 41 6.95 -22.79 -17.67
N GLY D 42 5.63 -22.76 -17.70
CA GLY D 42 4.85 -22.78 -16.47
C GLY D 42 4.57 -21.34 -16.10
N LYS D 43 3.30 -21.00 -15.88
CA LYS D 43 2.92 -19.63 -15.53
C LYS D 43 3.68 -19.07 -14.33
N GLY D 44 3.86 -19.90 -13.31
CA GLY D 44 4.60 -19.45 -12.13
C GLY D 44 6.00 -19.01 -12.49
N ALA D 45 6.74 -19.90 -13.16
CA ALA D 45 8.10 -19.61 -13.58
C ALA D 45 8.17 -18.49 -14.60
N ASN D 46 7.25 -18.48 -15.56
CA ASN D 46 7.27 -17.43 -16.56
C ASN D 46 7.14 -16.06 -15.89
N GLN D 47 6.19 -15.94 -14.96
CA GLN D 47 5.98 -14.69 -14.26
C GLN D 47 7.18 -14.36 -13.36
N ALA D 48 7.79 -15.38 -12.75
CA ALA D 48 8.95 -15.15 -11.90
C ALA D 48 10.11 -14.60 -12.74
N VAL D 49 10.29 -15.14 -13.93
CA VAL D 49 11.35 -14.69 -14.84
C VAL D 49 11.08 -13.27 -15.31
N ALA D 50 9.82 -12.97 -15.64
CA ALA D 50 9.47 -11.62 -16.11
C ALA D 50 9.76 -10.62 -14.99
N ALA D 51 9.45 -10.99 -13.75
CA ALA D 51 9.71 -10.11 -12.60
C ALA D 51 11.22 -9.93 -12.45
N GLY D 52 11.93 -11.05 -12.34
CA GLY D 52 13.37 -11.02 -12.18
C GLY D 52 14.07 -10.22 -13.27
N ARG D 53 13.83 -10.58 -14.52
CA ARG D 53 14.46 -9.88 -15.63
C ARG D 53 14.09 -8.40 -15.72
N SER D 54 12.89 -8.04 -15.30
CA SER D 54 12.51 -6.63 -15.38
C SER D 54 13.07 -5.81 -14.21
N GLY D 55 13.73 -6.47 -13.26
CA GLY D 55 14.34 -5.75 -12.15
C GLY D 55 13.80 -5.86 -10.74
N ALA D 56 12.90 -6.81 -10.50
CA ALA D 56 12.32 -6.97 -9.17
C ALA D 56 13.17 -7.79 -8.20
N ASN D 57 12.89 -7.61 -6.92
CA ASN D 57 13.56 -8.35 -5.85
C ASN D 57 12.57 -9.48 -5.58
N ILE D 58 12.78 -10.61 -6.25
CA ILE D 58 11.84 -11.71 -6.17
C ILE D 58 12.37 -13.08 -5.76
N ALA D 59 11.55 -13.78 -4.99
CA ALA D 59 11.85 -15.13 -4.50
C ALA D 59 10.71 -15.98 -5.05
N PHE D 60 11.01 -17.22 -5.43
CA PHE D 60 10.03 -18.10 -6.05
C PHE D 60 9.75 -19.38 -5.27
N ILE D 61 8.49 -19.54 -4.85
CA ILE D 61 8.06 -20.74 -4.14
C ILE D 61 7.47 -21.67 -5.19
N ALA D 62 8.11 -22.82 -5.41
CA ALA D 62 7.66 -23.79 -6.40
C ALA D 62 8.27 -25.17 -6.16
N CYS D 63 7.88 -26.15 -6.98
CA CYS D 63 8.39 -27.51 -6.88
C CYS D 63 8.73 -28.06 -8.25
N THR D 64 9.87 -28.73 -8.34
CA THR D 64 10.28 -29.39 -9.58
C THR D 64 10.39 -30.84 -9.17
N GLY D 65 10.58 -31.73 -10.13
CA GLY D 65 10.73 -33.14 -9.79
C GLY D 65 12.22 -33.39 -9.58
N ASP D 66 12.57 -34.60 -9.15
CA ASP D 66 13.96 -34.93 -8.93
C ASP D 66 14.56 -35.46 -10.22
N ASP D 67 14.13 -34.90 -11.35
CA ASP D 67 14.64 -35.33 -12.64
C ASP D 67 15.67 -34.34 -13.18
N SER D 68 16.29 -34.66 -14.31
CA SER D 68 17.32 -33.78 -14.85
C SER D 68 16.76 -32.45 -15.35
N ILE D 69 15.60 -32.49 -15.98
CA ILE D 69 15.00 -31.25 -16.47
C ILE D 69 14.77 -30.30 -15.27
N GLY D 70 14.40 -30.87 -14.13
CA GLY D 70 14.18 -30.09 -12.92
C GLY D 70 15.44 -29.38 -12.43
N GLU D 71 16.57 -30.10 -12.42
CA GLU D 71 17.82 -29.49 -12.00
C GLU D 71 18.19 -28.42 -13.02
N SER D 72 17.92 -28.71 -14.28
CA SER D 72 18.21 -27.77 -15.36
C SER D 72 17.42 -26.46 -15.26
N VAL D 73 16.13 -26.55 -14.94
CA VAL D 73 15.31 -25.35 -14.84
C VAL D 73 15.71 -24.52 -13.63
N ARG D 74 16.06 -25.19 -12.52
CA ARG D 74 16.48 -24.49 -11.31
C ARG D 74 17.75 -23.70 -11.51
N GLN D 75 18.69 -24.25 -12.28
CA GLN D 75 19.95 -23.54 -12.53
C GLN D 75 19.65 -22.31 -13.36
N GLN D 76 18.81 -22.47 -14.38
CA GLN D 76 18.42 -21.38 -15.27
C GLN D 76 17.74 -20.25 -14.49
N LEU D 77 16.72 -20.60 -13.72
CA LEU D 77 16.00 -19.61 -12.94
C LEU D 77 16.93 -18.75 -12.09
N ALA D 78 17.97 -19.36 -11.52
CA ALA D 78 18.92 -18.63 -10.68
C ALA D 78 19.64 -17.54 -11.46
N THR D 79 19.77 -17.72 -12.77
CA THR D 79 20.45 -16.72 -13.59
C THR D 79 19.46 -15.65 -14.05
N ASP D 80 18.19 -15.80 -13.68
CA ASP D 80 17.17 -14.82 -14.08
C ASP D 80 16.84 -13.83 -12.97
N ASN D 81 17.80 -13.60 -12.08
CA ASN D 81 17.65 -12.68 -10.96
C ASN D 81 16.50 -13.13 -10.05
N ILE D 82 16.44 -14.43 -9.79
CA ILE D 82 15.43 -15.02 -8.94
C ILE D 82 16.04 -15.81 -7.77
N ASP D 83 15.60 -15.49 -6.56
CA ASP D 83 16.06 -16.25 -5.40
C ASP D 83 15.27 -17.55 -5.45
N ILE D 84 15.94 -18.65 -5.74
CA ILE D 84 15.27 -19.94 -5.84
C ILE D 84 15.34 -20.78 -4.58
N THR D 85 15.77 -20.19 -3.48
CA THR D 85 15.85 -20.92 -2.21
C THR D 85 14.52 -21.63 -1.92
N PRO D 86 13.37 -20.96 -2.18
CA PRO D 86 12.04 -21.53 -1.94
C PRO D 86 11.58 -22.61 -2.95
N VAL D 87 12.40 -22.91 -3.94
CA VAL D 87 12.04 -23.92 -4.94
C VAL D 87 12.41 -25.30 -4.42
N SER D 88 11.41 -26.14 -4.17
CA SER D 88 11.63 -27.49 -3.65
C SER D 88 11.78 -28.55 -4.75
N VAL D 89 12.53 -29.60 -4.42
CA VAL D 89 12.75 -30.73 -5.33
C VAL D 89 11.96 -31.89 -4.74
N ILE D 90 10.96 -32.35 -5.47
CA ILE D 90 10.11 -33.44 -5.00
C ILE D 90 10.63 -34.81 -5.41
N LYS D 91 11.08 -35.59 -4.43
CA LYS D 91 11.60 -36.92 -4.69
C LYS D 91 10.52 -37.85 -5.24
N GLY D 92 10.88 -38.64 -6.24
CA GLY D 92 9.93 -39.57 -6.83
C GLY D 92 8.88 -38.96 -7.75
N GLU D 93 9.06 -37.69 -8.11
CA GLU D 93 8.12 -37.03 -8.99
C GLU D 93 8.85 -36.35 -10.13
N SER D 94 8.15 -36.14 -11.24
CA SER D 94 8.79 -35.49 -12.38
C SER D 94 8.30 -34.05 -12.44
N THR D 95 9.06 -33.22 -13.13
CA THR D 95 8.70 -31.82 -13.29
C THR D 95 7.46 -31.71 -14.15
N GLY D 96 6.72 -30.61 -13.99
CA GLY D 96 5.53 -30.40 -14.77
C GLY D 96 5.88 -30.34 -16.25
N VAL D 97 4.92 -30.73 -17.08
CA VAL D 97 5.12 -30.72 -18.53
C VAL D 97 3.94 -30.13 -19.28
N ALA D 98 4.23 -29.29 -20.27
CA ALA D 98 3.18 -28.72 -21.10
C ALA D 98 3.39 -29.17 -22.55
N LEU D 99 2.32 -29.61 -23.21
CA LEU D 99 2.41 -30.01 -24.61
C LEU D 99 1.69 -28.90 -25.35
N ILE D 100 2.40 -28.25 -26.26
CA ILE D 100 1.81 -27.13 -26.97
C ILE D 100 1.84 -27.21 -28.49
N PHE D 101 0.71 -26.84 -29.09
CA PHE D 101 0.56 -26.80 -30.54
C PHE D 101 0.27 -25.34 -30.89
N VAL D 102 0.80 -24.89 -32.02
CA VAL D 102 0.56 -23.53 -32.45
C VAL D 102 0.29 -23.58 -33.94
N ASN D 103 -0.89 -23.12 -34.34
CA ASN D 103 -1.28 -23.11 -35.76
C ASN D 103 -0.55 -22.02 -36.51
N GLY D 104 -0.63 -22.06 -37.84
CA GLY D 104 0.04 -21.06 -38.65
C GLY D 104 -0.46 -19.66 -38.35
N GLU D 105 -1.62 -19.59 -37.69
CA GLU D 105 -2.23 -18.30 -37.34
C GLU D 105 -1.95 -17.80 -35.92
N GLY D 106 -0.93 -18.35 -35.26
CA GLY D 106 -0.57 -17.88 -33.93
C GLY D 106 -1.26 -18.49 -32.73
N GLU D 107 -2.51 -18.91 -32.87
CA GLU D 107 -3.22 -19.50 -31.74
C GLU D 107 -2.46 -20.72 -31.19
N ASN D 108 -2.92 -21.24 -30.05
CA ASN D 108 -2.29 -22.42 -29.46
C ASN D 108 -3.16 -23.07 -28.41
N VAL D 109 -3.13 -24.40 -28.35
CA VAL D 109 -3.89 -25.14 -27.35
C VAL D 109 -2.83 -25.74 -26.41
N ILE D 110 -3.16 -25.89 -25.14
CA ILE D 110 -2.19 -26.40 -24.19
C ILE D 110 -2.73 -27.43 -23.21
N GLY D 111 -2.07 -28.57 -23.16
CA GLY D 111 -2.46 -29.61 -22.24
C GLY D 111 -1.32 -29.73 -21.26
N ILE D 112 -1.60 -29.63 -19.97
CA ILE D 112 -0.53 -29.77 -19.01
C ILE D 112 -0.69 -30.99 -18.11
N HIS D 113 0.46 -31.45 -17.63
CA HIS D 113 0.60 -32.56 -16.72
C HIS D 113 1.21 -31.88 -15.48
N ALA D 114 0.39 -31.66 -14.46
CA ALA D 114 0.85 -30.98 -13.25
C ALA D 114 2.21 -31.46 -12.75
N GLY D 115 2.37 -32.77 -12.59
CA GLY D 115 3.63 -33.31 -12.10
C GLY D 115 3.95 -32.81 -10.70
N ALA D 116 5.23 -32.56 -10.43
CA ALA D 116 5.66 -32.08 -9.12
C ALA D 116 4.87 -30.86 -8.66
N ASN D 117 4.30 -30.11 -9.61
CA ASN D 117 3.52 -28.92 -9.27
C ASN D 117 2.37 -29.23 -8.33
N ALA D 118 1.80 -30.42 -8.45
CA ALA D 118 0.68 -30.81 -7.60
C ALA D 118 1.13 -31.01 -6.16
N ALA D 119 2.45 -31.08 -5.96
CA ALA D 119 3.01 -31.28 -4.62
C ALA D 119 3.21 -29.98 -3.84
N LEU D 120 2.96 -28.83 -4.47
CA LEU D 120 3.13 -27.56 -3.76
C LEU D 120 1.91 -27.46 -2.85
N SER D 121 2.04 -28.02 -1.66
CA SER D 121 0.98 -28.10 -0.67
C SER D 121 0.87 -26.98 0.35
N PRO D 122 -0.23 -26.97 1.11
CA PRO D 122 -0.43 -25.95 2.14
C PRO D 122 0.70 -26.05 3.16
N ALA D 123 1.22 -27.27 3.35
CA ALA D 123 2.32 -27.48 4.27
C ALA D 123 3.56 -26.74 3.77
N LEU D 124 3.87 -26.87 2.48
CA LEU D 124 5.04 -26.17 1.95
C LEU D 124 4.81 -24.66 2.05
N VAL D 125 3.54 -24.25 1.95
CA VAL D 125 3.22 -22.85 2.04
C VAL D 125 3.46 -22.37 3.47
N GLU D 126 2.99 -23.15 4.44
CA GLU D 126 3.16 -22.80 5.83
C GLU D 126 4.65 -22.67 6.17
N ALA D 127 5.49 -23.46 5.52
CA ALA D 127 6.93 -23.41 5.74
C ALA D 127 7.51 -22.08 5.27
N GLN D 128 6.75 -21.37 4.43
CA GLN D 128 7.18 -20.07 3.90
C GLN D 128 6.41 -18.92 4.55
N ARG D 129 5.74 -19.20 5.67
CA ARG D 129 4.95 -18.16 6.34
C ARG D 129 5.68 -16.84 6.51
N GLU D 130 6.86 -16.90 7.10
CA GLU D 130 7.65 -15.69 7.35
C GLU D 130 8.05 -14.96 6.08
N ARG D 131 8.40 -15.72 5.05
CA ARG D 131 8.81 -15.13 3.78
C ARG D 131 7.66 -14.34 3.17
N ILE D 132 6.46 -14.93 3.22
CA ILE D 132 5.27 -14.30 2.68
C ILE D 132 4.84 -13.09 3.52
N ALA D 133 4.92 -13.24 4.84
CA ALA D 133 4.56 -12.17 5.76
C ALA D 133 5.46 -10.95 5.60
N ASN D 134 6.74 -11.17 5.30
CA ASN D 134 7.66 -10.04 5.13
C ASN D 134 7.68 -9.42 3.73
N ALA D 135 7.07 -10.11 2.76
CA ALA D 135 7.05 -9.61 1.39
C ALA D 135 6.10 -8.45 1.19
N SER D 136 6.39 -7.61 0.20
CA SER D 136 5.52 -6.47 -0.11
C SER D 136 4.35 -6.97 -0.95
N ALA D 137 4.59 -8.02 -1.72
CA ALA D 137 3.55 -8.58 -2.56
C ALA D 137 3.75 -10.07 -2.85
N LEU D 138 2.63 -10.74 -3.12
CA LEU D 138 2.57 -12.15 -3.45
C LEU D 138 1.81 -12.28 -4.77
N LEU D 139 2.45 -12.89 -5.77
CA LEU D 139 1.87 -13.09 -7.08
C LEU D 139 1.65 -14.59 -7.31
N MET D 140 0.42 -14.96 -7.63
CA MET D 140 0.08 -16.36 -7.85
C MET D 140 -0.79 -16.57 -9.09
N GLN D 141 -0.86 -17.82 -9.55
CA GLN D 141 -1.68 -18.17 -10.71
C GLN D 141 -2.49 -19.38 -10.29
N LEU D 142 -3.11 -20.06 -11.26
CA LEU D 142 -3.92 -21.21 -10.94
C LEU D 142 -3.37 -22.55 -11.45
N GLU D 143 -2.05 -22.67 -11.55
CA GLU D 143 -1.47 -23.93 -11.98
C GLU D 143 -0.88 -24.64 -10.75
N SER D 144 -1.28 -24.19 -9.57
CA SER D 144 -0.84 -24.79 -8.30
C SER D 144 -2.14 -25.16 -7.59
N PRO D 145 -2.09 -26.11 -6.64
CA PRO D 145 -3.31 -26.51 -5.92
C PRO D 145 -4.02 -25.32 -5.27
N LEU D 146 -5.32 -25.23 -5.50
CA LEU D 146 -6.12 -24.12 -4.96
C LEU D 146 -5.98 -24.00 -3.44
N GLU D 147 -5.92 -25.14 -2.75
CA GLU D 147 -5.80 -25.12 -1.31
C GLU D 147 -4.56 -24.35 -0.91
N SER D 148 -3.49 -24.52 -1.69
CA SER D 148 -2.23 -23.86 -1.42
C SER D 148 -2.30 -22.37 -1.72
N VAL D 149 -2.93 -22.03 -2.84
CA VAL D 149 -3.09 -20.64 -3.23
C VAL D 149 -3.91 -19.93 -2.15
N MET D 150 -4.93 -20.63 -1.66
CA MET D 150 -5.80 -20.09 -0.62
C MET D 150 -5.00 -19.84 0.66
N ALA D 151 -4.22 -20.85 1.05
CA ALA D 151 -3.42 -20.77 2.26
C ALA D 151 -2.45 -19.60 2.21
N ALA D 152 -1.80 -19.43 1.07
CA ALA D 152 -0.83 -18.37 0.87
C ALA D 152 -1.51 -17.02 0.91
N ALA D 153 -2.69 -16.92 0.30
CA ALA D 153 -3.45 -15.68 0.27
C ALA D 153 -3.79 -15.24 1.69
N LYS D 154 -4.21 -16.20 2.52
CA LYS D 154 -4.56 -15.90 3.90
C LYS D 154 -3.38 -15.36 4.70
N ILE D 155 -2.21 -15.98 4.53
CA ILE D 155 -1.02 -15.52 5.22
C ILE D 155 -0.68 -14.09 4.80
N ALA D 156 -0.73 -13.85 3.49
CA ALA D 156 -0.44 -12.53 2.93
C ALA D 156 -1.42 -11.50 3.49
N HIS D 157 -2.71 -11.84 3.45
CA HIS D 157 -3.76 -10.95 3.96
C HIS D 157 -3.49 -10.55 5.41
N GLN D 158 -3.36 -11.55 6.27
CA GLN D 158 -3.09 -11.35 7.68
C GLN D 158 -1.89 -10.44 7.92
N ASN D 159 -0.98 -10.35 6.96
CA ASN D 159 0.22 -9.55 7.13
C ASN D 159 0.38 -8.35 6.21
N LYS D 160 -0.73 -7.87 5.65
CA LYS D 160 -0.71 -6.72 4.77
C LYS D 160 0.24 -6.88 3.60
N THR D 161 0.31 -8.11 3.08
CA THR D 161 1.15 -8.39 1.92
C THR D 161 0.17 -8.35 0.77
N ILE D 162 0.46 -7.55 -0.24
CA ILE D 162 -0.41 -7.42 -1.40
C ILE D 162 -0.59 -8.77 -2.10
N VAL D 163 -1.84 -9.10 -2.40
CA VAL D 163 -2.14 -10.35 -3.08
C VAL D 163 -2.54 -10.08 -4.53
N ALA D 164 -1.66 -10.44 -5.46
CA ALA D 164 -1.91 -10.28 -6.89
C ALA D 164 -2.19 -11.67 -7.45
N LEU D 165 -3.36 -11.84 -8.06
CA LEU D 165 -3.74 -13.14 -8.61
C LEU D 165 -4.05 -13.11 -10.10
N ASN D 166 -3.31 -13.91 -10.87
CA ASN D 166 -3.52 -14.03 -12.32
C ASN D 166 -4.36 -15.30 -12.39
N PRO D 167 -5.68 -15.17 -12.53
CA PRO D 167 -6.63 -16.29 -12.59
C PRO D 167 -6.53 -17.15 -13.85
N ALA D 168 -5.36 -17.74 -14.07
CA ALA D 168 -5.15 -18.58 -15.23
C ALA D 168 -4.49 -19.89 -14.82
N PRO D 169 -4.89 -21.02 -15.45
CA PRO D 169 -5.90 -21.17 -16.49
C PRO D 169 -7.30 -20.85 -15.97
N ALA D 170 -8.19 -20.48 -16.89
CA ALA D 170 -9.57 -20.13 -16.56
C ALA D 170 -10.33 -21.16 -15.72
N ARG D 171 -11.05 -20.67 -14.71
CA ARG D 171 -11.85 -21.52 -13.85
C ARG D 171 -12.60 -20.67 -12.85
N GLU D 172 -13.62 -21.23 -12.23
CA GLU D 172 -14.39 -20.49 -11.24
C GLU D 172 -13.60 -20.54 -9.94
N LEU D 173 -13.74 -19.50 -9.13
CA LEU D 173 -13.03 -19.43 -7.86
C LEU D 173 -14.00 -19.10 -6.72
N PRO D 174 -13.81 -19.71 -5.53
CA PRO D 174 -14.70 -19.45 -4.40
C PRO D 174 -14.59 -17.99 -3.96
N ASP D 175 -15.68 -17.43 -3.43
CA ASP D 175 -15.66 -16.04 -2.98
C ASP D 175 -14.62 -15.84 -1.88
N GLU D 176 -14.41 -16.90 -1.09
CA GLU D 176 -13.44 -16.83 0.00
C GLU D 176 -12.06 -16.39 -0.50
N LEU D 177 -11.62 -16.91 -1.64
CA LEU D 177 -10.32 -16.53 -2.19
C LEU D 177 -10.35 -15.12 -2.75
N LEU D 178 -11.33 -14.85 -3.63
CA LEU D 178 -11.49 -13.55 -4.26
C LEU D 178 -11.51 -12.41 -3.25
N ALA D 179 -12.09 -12.65 -2.09
CA ALA D 179 -12.18 -11.63 -1.05
C ALA D 179 -10.80 -11.21 -0.57
N LEU D 180 -9.83 -12.11 -0.69
CA LEU D 180 -8.47 -11.86 -0.23
C LEU D 180 -7.54 -11.23 -1.27
N VAL D 181 -8.04 -11.05 -2.49
CA VAL D 181 -7.22 -10.48 -3.57
C VAL D 181 -7.26 -8.97 -3.64
N ASP D 182 -6.10 -8.36 -3.92
CA ASP D 182 -5.98 -6.92 -4.06
C ASP D 182 -5.93 -6.56 -5.54
N ILE D 183 -5.21 -7.37 -6.31
CA ILE D 183 -5.09 -7.14 -7.75
C ILE D 183 -5.34 -8.44 -8.51
N ILE D 184 -6.34 -8.45 -9.37
CA ILE D 184 -6.63 -9.63 -10.17
C ILE D 184 -6.45 -9.27 -11.66
N THR D 185 -5.81 -10.15 -12.42
CA THR D 185 -5.52 -9.89 -13.83
C THR D 185 -6.07 -10.93 -14.83
N PRO D 186 -7.40 -11.08 -14.93
CA PRO D 186 -7.91 -12.06 -15.87
C PRO D 186 -7.87 -11.53 -17.29
N ASN D 187 -7.85 -12.43 -18.27
CA ASN D 187 -7.92 -11.98 -19.65
C ASN D 187 -9.44 -12.04 -19.86
N GLU D 188 -9.89 -11.93 -21.10
CA GLU D 188 -11.32 -11.94 -21.37
C GLU D 188 -12.05 -13.24 -21.02
N THR D 189 -11.47 -14.38 -21.40
CA THR D 189 -12.09 -15.67 -21.12
C THR D 189 -12.18 -15.92 -19.62
N GLU D 190 -11.15 -15.46 -18.89
CA GLU D 190 -11.13 -15.65 -17.45
C GLU D 190 -12.10 -14.69 -16.75
N ALA D 191 -12.21 -13.48 -17.27
CA ALA D 191 -13.13 -12.51 -16.69
C ALA D 191 -14.54 -13.10 -16.80
N GLU D 192 -14.88 -13.55 -18.00
CA GLU D 192 -16.18 -14.14 -18.24
C GLU D 192 -16.43 -15.37 -17.36
N LYS D 193 -15.40 -16.18 -17.20
CA LYS D 193 -15.51 -17.39 -16.40
C LYS D 193 -15.76 -17.10 -14.92
N LEU D 194 -15.22 -15.98 -14.46
CA LEU D 194 -15.36 -15.59 -13.06
C LEU D 194 -16.60 -14.77 -12.74
N THR D 195 -17.09 -14.02 -13.73
CA THR D 195 -18.24 -13.16 -13.51
C THR D 195 -19.48 -13.58 -14.28
N GLY D 196 -19.31 -14.48 -15.24
CA GLY D 196 -20.45 -14.93 -16.03
C GLY D 196 -20.80 -13.90 -17.08
N ILE D 197 -19.92 -12.91 -17.24
CA ILE D 197 -20.13 -11.84 -18.22
C ILE D 197 -19.09 -11.93 -19.33
N ARG D 198 -19.56 -12.03 -20.58
CA ARG D 198 -18.66 -12.09 -21.73
C ARG D 198 -18.14 -10.69 -22.01
N VAL D 199 -16.84 -10.57 -22.22
CA VAL D 199 -16.26 -9.26 -22.46
C VAL D 199 -15.83 -9.11 -23.91
N GLU D 200 -16.53 -8.24 -24.63
CA GLU D 200 -16.25 -7.98 -26.04
C GLU D 200 -16.02 -6.49 -26.26
N ASN D 201 -16.43 -5.68 -25.29
CA ASN D 201 -16.26 -4.23 -25.40
C ASN D 201 -16.09 -3.59 -24.03
N ASP D 202 -15.70 -2.32 -24.00
CA ASP D 202 -15.49 -1.64 -22.73
C ASP D 202 -16.67 -1.76 -21.78
N GLU D 203 -17.87 -1.61 -22.32
CA GLU D 203 -19.06 -1.73 -21.49
C GLU D 203 -19.04 -3.09 -20.80
N ASP D 204 -18.60 -4.11 -21.53
CA ASP D 204 -18.55 -5.46 -20.97
C ASP D 204 -17.51 -5.55 -19.85
N ALA D 205 -16.31 -5.02 -20.15
CA ALA D 205 -15.20 -5.01 -19.22
C ALA D 205 -15.59 -4.37 -17.91
N ALA D 206 -16.14 -3.16 -17.99
CA ALA D 206 -16.55 -2.43 -16.78
C ALA D 206 -17.54 -3.22 -15.95
N LYS D 207 -18.49 -3.85 -16.63
CA LYS D 207 -19.50 -4.65 -15.94
C LYS D 207 -18.87 -5.89 -15.31
N ALA D 208 -17.88 -6.48 -15.98
CA ALA D 208 -17.22 -7.66 -15.44
C ALA D 208 -16.40 -7.24 -14.22
N ALA D 209 -15.75 -6.10 -14.34
CA ALA D 209 -14.91 -5.57 -13.27
C ALA D 209 -15.73 -5.24 -12.03
N GLN D 210 -16.92 -4.69 -12.24
CA GLN D 210 -17.80 -4.32 -11.14
C GLN D 210 -18.11 -5.54 -10.28
N VAL D 211 -18.35 -6.67 -10.95
CA VAL D 211 -18.64 -7.92 -10.25
C VAL D 211 -17.49 -8.29 -9.35
N LEU D 212 -16.27 -8.20 -9.89
CA LEU D 212 -15.08 -8.52 -9.12
C LEU D 212 -14.87 -7.52 -7.99
N HIS D 213 -15.19 -6.25 -8.22
CA HIS D 213 -15.02 -5.25 -7.17
C HIS D 213 -15.95 -5.61 -6.03
N GLU D 214 -17.16 -6.04 -6.38
CA GLU D 214 -18.15 -6.42 -5.39
C GLU D 214 -17.74 -7.67 -4.63
N LYS D 215 -16.87 -8.47 -5.24
CA LYS D 215 -16.38 -9.69 -4.59
C LYS D 215 -15.31 -9.29 -3.58
N GLY D 216 -14.89 -8.03 -3.64
CA GLY D 216 -13.89 -7.56 -2.71
C GLY D 216 -12.52 -7.25 -3.29
N ILE D 217 -12.42 -7.24 -4.62
CA ILE D 217 -11.15 -6.95 -5.28
C ILE D 217 -11.12 -5.51 -5.76
N ARG D 218 -10.24 -4.72 -5.15
CA ARG D 218 -10.12 -3.29 -5.46
C ARG D 218 -9.57 -2.94 -6.83
N THR D 219 -8.51 -3.62 -7.24
CA THR D 219 -7.90 -3.34 -8.54
C THR D 219 -8.12 -4.48 -9.51
N VAL D 220 -8.88 -4.21 -10.57
CA VAL D 220 -9.17 -5.22 -11.57
C VAL D 220 -8.60 -4.80 -12.93
N LEU D 221 -7.75 -5.65 -13.48
CA LEU D 221 -7.13 -5.37 -14.78
C LEU D 221 -7.51 -6.52 -15.72
N ILE D 222 -8.35 -6.21 -16.71
CA ILE D 222 -8.78 -7.21 -17.68
C ILE D 222 -8.00 -7.03 -18.97
N THR D 223 -7.09 -7.95 -19.24
CA THR D 223 -6.29 -7.84 -20.45
C THR D 223 -7.15 -8.07 -21.69
N LEU D 224 -6.91 -7.27 -22.72
CA LEU D 224 -7.70 -7.36 -23.93
C LEU D 224 -6.88 -7.79 -25.15
N GLY D 225 -5.81 -8.53 -24.92
CA GLY D 225 -4.99 -8.97 -26.03
C GLY D 225 -4.29 -7.78 -26.65
N SER D 226 -4.48 -7.58 -27.95
CA SER D 226 -3.84 -6.46 -28.64
C SER D 226 -4.55 -5.14 -28.36
N ARG D 227 -5.69 -5.20 -27.68
CA ARG D 227 -6.42 -3.98 -27.37
C ARG D 227 -5.98 -3.36 -26.02
N GLY D 228 -4.93 -3.93 -25.42
CA GLY D 228 -4.43 -3.41 -24.16
C GLY D 228 -5.12 -4.01 -22.95
N VAL D 229 -5.58 -3.16 -22.05
CA VAL D 229 -6.23 -3.66 -20.84
C VAL D 229 -7.25 -2.67 -20.29
N TRP D 230 -8.28 -3.19 -19.66
CA TRP D 230 -9.28 -2.35 -19.03
C TRP D 230 -8.92 -2.26 -17.56
N ALA D 231 -8.30 -1.16 -17.17
CA ALA D 231 -7.88 -0.94 -15.79
C ALA D 231 -8.97 -0.31 -14.95
N SER D 232 -9.32 -0.95 -13.84
CA SER D 232 -10.37 -0.43 -12.99
C SER D 232 -10.04 -0.55 -11.48
N VAL D 233 -10.15 0.57 -10.78
CA VAL D 233 -9.90 0.63 -9.34
C VAL D 233 -11.21 1.01 -8.64
N ASN D 234 -11.82 0.03 -7.99
CA ASN D 234 -13.11 0.20 -7.30
C ASN D 234 -14.15 0.93 -8.14
N GLY D 235 -14.34 0.49 -9.37
CA GLY D 235 -15.36 1.11 -10.19
C GLY D 235 -14.98 2.16 -11.21
N GLU D 236 -13.86 2.85 -11.04
CA GLU D 236 -13.48 3.86 -12.03
C GLU D 236 -12.53 3.25 -13.04
N GLY D 237 -13.05 2.82 -14.18
CA GLY D 237 -12.22 2.20 -15.19
C GLY D 237 -11.95 3.00 -16.45
N GLN D 238 -10.96 2.56 -17.21
CA GLN D 238 -10.56 3.19 -18.46
C GLN D 238 -9.72 2.18 -19.23
N ARG D 239 -9.46 2.43 -20.50
CA ARG D 239 -8.65 1.48 -21.25
C ARG D 239 -7.25 2.02 -21.42
N VAL D 240 -6.27 1.14 -21.24
CA VAL D 240 -4.88 1.51 -21.41
C VAL D 240 -4.41 0.68 -22.61
N PRO D 241 -4.26 1.31 -23.77
CA PRO D 241 -3.82 0.64 -24.99
C PRO D 241 -2.41 0.09 -24.88
N GLY D 242 -2.18 -1.06 -25.51
CA GLY D 242 -0.85 -1.65 -25.48
C GLY D 242 -0.06 -1.09 -26.64
N PHE D 243 0.99 -1.78 -27.06
CA PHE D 243 1.77 -1.29 -28.20
C PHE D 243 1.54 -2.15 -29.43
N ARG D 244 1.72 -1.52 -30.59
CA ARG D 244 1.50 -2.15 -31.89
C ARG D 244 2.74 -2.85 -32.43
N VAL D 245 2.71 -4.18 -32.41
CA VAL D 245 3.82 -4.97 -32.92
C VAL D 245 3.30 -6.16 -33.70
N GLN D 246 4.19 -6.79 -34.48
CA GLN D 246 3.86 -7.97 -35.28
C GLN D 246 4.22 -9.21 -34.47
N ALA D 247 3.19 -9.91 -34.00
CA ALA D 247 3.34 -11.10 -33.17
C ALA D 247 3.87 -12.32 -33.91
N VAL D 248 4.58 -13.16 -33.17
CA VAL D 248 5.12 -14.38 -33.74
C VAL D 248 4.69 -15.51 -32.80
N ASP D 249 4.66 -15.20 -31.51
CA ASP D 249 4.31 -16.15 -30.47
C ASP D 249 3.78 -15.37 -29.27
N THR D 250 2.53 -15.60 -28.87
CA THR D 250 1.98 -14.88 -27.72
C THR D 250 1.90 -15.75 -26.49
N ILE D 251 2.65 -16.83 -26.48
CA ILE D 251 2.66 -17.70 -25.31
C ILE D 251 3.39 -16.84 -24.26
N ALA D 252 2.86 -16.82 -23.05
CA ALA D 252 3.50 -16.05 -21.98
C ALA D 252 3.36 -14.53 -22.10
N ALA D 253 2.50 -14.07 -22.98
CA ALA D 253 2.29 -12.62 -23.14
C ALA D 253 1.72 -12.12 -21.81
N GLY D 254 0.70 -12.83 -21.33
CA GLY D 254 0.07 -12.47 -20.08
C GLY D 254 0.99 -12.62 -18.89
N ASP D 255 1.77 -13.71 -18.88
CA ASP D 255 2.69 -13.96 -17.79
C ASP D 255 3.72 -12.84 -17.69
N THR D 256 4.20 -12.39 -18.85
CA THR D 256 5.17 -11.31 -18.88
C THR D 256 4.52 -10.01 -18.39
N PHE D 257 3.26 -9.80 -18.77
CA PHE D 257 2.53 -8.60 -18.34
C PHE D 257 2.49 -8.58 -16.82
N ASN D 258 2.09 -9.69 -16.21
CA ASN D 258 2.01 -9.75 -14.75
C ASN D 258 3.32 -9.54 -14.01
N GLY D 259 4.37 -10.24 -14.46
CA GLY D 259 5.66 -10.09 -13.80
C GLY D 259 6.17 -8.67 -13.89
N ALA D 260 6.06 -8.07 -15.06
CA ALA D 260 6.53 -6.71 -15.27
C ALA D 260 5.66 -5.69 -14.53
N LEU D 261 4.36 -5.97 -14.47
CA LEU D 261 3.42 -5.08 -13.79
C LEU D 261 3.80 -4.93 -12.33
N ILE D 262 3.91 -6.05 -11.62
CA ILE D 262 4.24 -6.02 -10.20
C ILE D 262 5.60 -5.37 -9.93
N THR D 263 6.56 -5.55 -10.82
CA THR D 263 7.87 -4.93 -10.63
C THR D 263 7.70 -3.42 -10.64
N ALA D 264 6.92 -2.94 -11.61
CA ALA D 264 6.67 -1.51 -11.75
C ALA D 264 5.92 -0.96 -10.55
N LEU D 265 4.90 -1.67 -10.09
CA LEU D 265 4.14 -1.21 -8.93
C LEU D 265 5.01 -1.16 -7.69
N LEU D 266 5.87 -2.16 -7.51
CA LEU D 266 6.75 -2.18 -6.35
C LEU D 266 7.80 -1.07 -6.39
N GLU D 267 8.03 -0.48 -7.57
CA GLU D 267 8.98 0.62 -7.68
C GLU D 267 8.21 1.91 -7.44
N GLU D 268 6.95 1.76 -7.04
CA GLU D 268 6.07 2.89 -6.77
C GLU D 268 5.64 3.72 -7.97
N LYS D 269 5.60 3.10 -9.13
CA LYS D 269 5.15 3.81 -10.32
C LYS D 269 3.63 3.77 -10.32
N PRO D 270 2.98 4.92 -10.57
CA PRO D 270 1.52 4.91 -10.57
C PRO D 270 0.98 3.85 -11.53
N LEU D 271 -0.20 3.32 -11.22
CA LEU D 271 -0.82 2.26 -12.01
C LEU D 271 -0.76 2.43 -13.53
N PRO D 272 -1.18 3.59 -14.05
CA PRO D 272 -1.15 3.82 -15.50
C PRO D 272 0.24 3.57 -16.09
N GLU D 273 1.23 4.20 -15.47
CA GLU D 273 2.59 4.07 -15.92
C GLU D 273 3.04 2.61 -15.78
N ALA D 274 2.69 1.99 -14.66
CA ALA D 274 3.06 0.61 -14.40
C ALA D 274 2.51 -0.30 -15.50
N ILE D 275 1.27 -0.05 -15.90
CA ILE D 275 0.63 -0.85 -16.96
C ILE D 275 1.33 -0.62 -18.30
N ARG D 276 1.80 0.60 -18.51
CA ARG D 276 2.50 0.91 -19.74
C ARG D 276 3.82 0.12 -19.74
N PHE D 277 4.51 0.12 -18.61
CA PHE D 277 5.77 -0.62 -18.46
C PHE D 277 5.49 -2.09 -18.80
N ALA D 278 4.40 -2.61 -18.25
CA ALA D 278 4.02 -4.00 -18.48
C ALA D 278 3.69 -4.26 -19.95
N HIS D 279 2.98 -3.34 -20.59
CA HIS D 279 2.63 -3.52 -22.01
C HIS D 279 3.88 -3.62 -22.86
N ALA D 280 4.86 -2.76 -22.56
CA ALA D 280 6.12 -2.77 -23.30
C ALA D 280 6.79 -4.14 -23.21
N ALA D 281 6.98 -4.63 -21.99
CA ALA D 281 7.61 -5.93 -21.81
C ALA D 281 6.83 -7.03 -22.55
N ALA D 282 5.50 -7.02 -22.42
CA ALA D 282 4.68 -8.04 -23.06
C ALA D 282 4.77 -7.95 -24.59
N ALA D 283 4.80 -6.72 -25.10
CA ALA D 283 4.89 -6.48 -26.53
C ALA D 283 6.15 -7.16 -27.04
N ILE D 284 7.27 -6.86 -26.39
CA ILE D 284 8.53 -7.45 -26.78
C ILE D 284 8.42 -8.97 -26.72
N ALA D 285 7.78 -9.47 -25.67
CA ALA D 285 7.61 -10.91 -25.52
C ALA D 285 6.87 -11.53 -26.69
N VAL D 286 5.82 -10.89 -27.18
CA VAL D 286 5.04 -11.46 -28.28
C VAL D 286 5.78 -11.53 -29.61
N THR D 287 6.89 -10.81 -29.72
CA THR D 287 7.66 -10.82 -30.96
C THR D 287 8.80 -11.83 -30.87
N ARG D 288 8.72 -12.74 -29.90
CA ARG D 288 9.76 -13.76 -29.71
C ARG D 288 9.10 -15.14 -29.52
N LYS D 289 9.89 -16.21 -29.63
CA LYS D 289 9.33 -17.56 -29.51
C LYS D 289 9.64 -18.22 -28.17
N GLY D 290 8.70 -19.06 -27.72
CA GLY D 290 8.87 -19.75 -26.46
C GLY D 290 8.37 -18.90 -25.30
N ALA D 291 8.17 -19.51 -24.14
CA ALA D 291 7.70 -18.77 -22.97
C ALA D 291 8.83 -17.95 -22.36
N GLN D 292 9.63 -18.60 -21.51
CA GLN D 292 10.71 -17.89 -20.85
C GLN D 292 11.76 -17.28 -21.79
N PRO D 293 12.04 -17.94 -22.92
CA PRO D 293 13.04 -17.38 -23.84
C PRO D 293 12.62 -16.02 -24.39
N SER D 294 11.31 -15.81 -24.53
CA SER D 294 10.81 -14.53 -25.04
C SER D 294 10.67 -13.42 -24.00
N VAL D 295 10.90 -13.72 -22.72
CA VAL D 295 10.78 -12.70 -21.68
C VAL D 295 11.94 -11.72 -21.73
N PRO D 296 11.67 -10.42 -21.93
CA PRO D 296 12.65 -9.33 -22.02
C PRO D 296 13.28 -8.88 -20.70
N TRP D 297 14.47 -8.28 -20.81
CA TRP D 297 15.16 -7.77 -19.64
C TRP D 297 14.85 -6.30 -19.47
N ARG D 298 15.13 -5.77 -18.29
CA ARG D 298 14.87 -4.37 -17.99
C ARG D 298 15.48 -3.39 -18.99
N GLU D 299 16.74 -3.60 -19.34
CA GLU D 299 17.42 -2.70 -20.30
C GLU D 299 16.62 -2.65 -21.61
N GLU D 300 16.15 -3.82 -22.03
CA GLU D 300 15.37 -3.91 -23.25
C GLU D 300 14.03 -3.19 -23.09
N ILE D 301 13.39 -3.39 -21.94
CA ILE D 301 12.09 -2.77 -21.68
C ILE D 301 12.20 -1.25 -21.73
N ASP D 302 13.15 -0.69 -20.98
CA ASP D 302 13.31 0.76 -20.97
C ASP D 302 13.68 1.29 -22.35
N ALA D 303 14.51 0.54 -23.09
CA ALA D 303 14.91 0.97 -24.42
C ALA D 303 13.63 1.11 -25.23
N PHE D 304 12.86 0.03 -25.27
CA PHE D 304 11.60 0.01 -26.01
C PHE D 304 10.78 1.23 -25.63
N LEU D 305 10.71 1.51 -24.32
CA LEU D 305 9.92 2.64 -23.85
C LEU D 305 10.48 3.96 -24.32
N ASP D 306 11.80 4.06 -24.39
CA ASP D 306 12.43 5.30 -24.86
C ASP D 306 12.23 5.55 -26.36
N ARG D 307 12.20 4.49 -27.16
CA ARG D 307 12.00 4.72 -28.60
C ARG D 307 10.67 5.44 -28.77
N GLN D 308 9.57 4.67 -28.67
CA GLN D 308 8.22 5.21 -28.82
C GLN D 308 8.22 6.73 -28.80
O5 RIB E . 1.81 43.54 36.80
C5 RIB E . 1.86 42.11 36.75
C4 RIB E . 0.42 41.55 36.75
O4 RIB E . -0.29 42.05 35.63
C3 RIB E . 0.35 40.01 36.68
O3 RIB E . 0.26 39.41 37.96
C2 RIB E . -0.88 39.73 35.80
O2 RIB E . -1.92 39.16 36.59
C1 RIB E . -1.28 41.11 35.23
O1 RIB E . -2.52 41.54 35.74
AL ALF F . -2.87 68.19 42.02
F1 ALF F . -4.46 67.33 42.00
F2 ALF F . -1.27 69.08 42.01
F3 ALF F . -2.05 66.71 42.64
F4 ALF F . -3.68 69.67 41.36
MG MG G . 9.51 38.00 40.84
PB ADP H . 6.96 47.56 35.86
O1B ADP H . 7.20 46.29 36.61
O2B ADP H . 7.21 47.47 34.26
O3B ADP H . 5.54 48.04 36.10
PA ADP H . 9.53 48.86 36.06
O1A ADP H . 10.01 47.88 35.07
O2A ADP H . 9.71 50.24 35.58
O3A ADP H . 7.99 48.60 36.36
O5' ADP H . 10.21 48.61 37.49
C5' ADP H . 9.49 48.90 38.69
C4' ADP H . 10.48 48.93 39.86
O4' ADP H . 10.93 47.61 40.26
C3' ADP H . 11.76 49.74 39.65
O3' ADP H . 11.62 51.12 39.95
C2' ADP H . 12.76 49.06 40.57
O2' ADP H . 12.66 49.53 41.92
C1' ADP H . 12.38 47.62 40.40
N9 ADP H . 13.14 46.95 39.26
C8 ADP H . 12.72 46.75 38.01
N7 ADP H . 13.68 46.13 37.32
C5 ADP H . 14.69 45.91 38.10
C6 ADP H . 15.95 45.32 37.96
N6 ADP H . 16.32 44.80 36.78
N1 ADP H . 16.82 45.26 39.03
C2 ADP H . 16.49 45.79 40.25
N3 ADP H . 15.28 46.36 40.39
C4 ADP H . 14.36 46.45 39.36
O5 RIB I . -3.38 22.02 16.72
C5 RIB I . -4.05 22.64 17.83
C4 RIB I . -3.43 22.11 19.14
O4 RIB I . -2.04 22.42 19.17
C3 RIB I . -4.02 22.70 20.43
O3 RIB I . -5.09 21.91 20.97
C2 RIB I . -2.80 22.83 21.39
O2 RIB I . -2.95 21.98 22.55
C1 RIB I . -1.61 22.38 20.52
O1 RIB I . -1.23 21.06 20.85
AL ALF J . 8.37 5.78 0.52
F1 ALF J . 8.73 5.17 2.19
F2 ALF J . 8.04 6.36 -1.16
F3 ALF J . 6.76 6.40 1.07
F4 ALF J . 10.00 5.19 -0.04
MG MG K . -12.90 26.09 15.34
PB ADP L . -3.49 23.83 10.08
O1B ADP L . -4.76 24.04 10.85
O2B ADP L . -2.50 25.12 10.12
O3B ADP L . -2.74 22.63 10.61
PA ADP L . -4.61 24.56 7.49
O1A ADP L . -4.68 25.93 8.00
O2A ADP L . -3.93 24.48 6.18
O3A ADP L . -3.84 23.68 8.57
O5' ADP L . -6.04 23.86 7.42
C5' ADP L . -6.11 22.45 7.32
C4' ADP L . -7.49 22.03 6.80
O4' ADP L . -8.58 22.48 7.65
C3' ADP L . -7.85 22.50 5.39
O3' ADP L . -7.39 21.59 4.37
C2' ADP L . -9.36 22.62 5.41
O2' ADP L . -10.02 21.39 5.05
C1' ADP L . -9.63 23.08 6.83
N9 ADP L . -9.71 24.58 6.93
C8 ADP L . -8.82 25.38 7.52
N7 ADP L . -9.22 26.64 7.42
C5 ADP L . -10.37 26.66 6.79
C6 ADP L . -11.27 27.66 6.39
N6 ADP L . -11.01 28.96 6.68
N1 ADP L . -12.42 27.33 5.72
C2 ADP L . -12.71 26.03 5.41
N3 ADP L . -11.84 25.06 5.79
C4 ADP L . -10.69 25.33 6.47
O5 RIB M . -0.17 -44.13 -35.53
C5 RIB M . 0.25 -43.72 -34.23
C4 RIB M . 1.62 -43.04 -34.31
O4 RIB M . 1.54 -41.87 -35.11
C3 RIB M . 2.20 -42.59 -32.96
O3 RIB M . 3.05 -43.57 -32.38
C2 RIB M . 2.92 -41.26 -33.27
O2 RIB M . 4.33 -41.39 -33.04
C1 RIB M . 2.60 -40.99 -34.75
O1 RIB M . 3.71 -41.26 -35.56
AL ALF N . -0.99 -53.86 -59.51
F1 ALF N . 0.62 -53.10 -59.30
F2 ALF N . -2.62 -54.64 -59.75
F3 ALF N . -1.08 -54.22 -57.74
F4 ALF N . -0.92 -53.54 -61.29
MG MG O . -4.36 -48.52 -27.11
PB ADP P . -6.60 -45.86 -38.06
O1B ADP P . -6.49 -45.91 -36.58
O2B ADP P . -7.30 -44.51 -38.62
O3B ADP P . -5.25 -46.00 -38.70
PA ADP P . -9.07 -47.40 -38.08
O1A ADP P . -9.59 -46.47 -37.06
O2A ADP P . -9.92 -47.42 -39.30
O3A ADP P . -7.58 -47.00 -38.48
O5' ADP P . -8.88 -48.86 -37.47
C5' ADP P . -7.90 -49.73 -38.03
C4' ADP P . -8.16 -51.12 -37.51
O4' ADP P . -7.87 -51.25 -36.09
C3' ADP P . -9.58 -51.66 -37.69
O3' ADP P . -9.79 -52.27 -38.97
C2' ADP P . -9.72 -52.63 -36.54
O2' ADP P . -9.18 -53.92 -36.86
C1' ADP P . -8.98 -51.92 -35.43
N9 ADP P . -9.88 -50.98 -34.63
C8 ADP P . -9.96 -49.64 -34.74
N7 ADP P . -10.85 -49.17 -33.86
C5 ADP P . -11.34 -50.19 -33.19
C6 ADP P . -12.27 -50.35 -32.19
N6 ADP P . -12.90 -49.27 -31.69
N1 ADP P . -12.56 -51.60 -31.69
C2 ADP P . -11.95 -52.71 -32.16
N3 ADP P . -11.05 -52.57 -33.15
C4 ADP P . -10.71 -51.36 -33.68
O5 RIB Q . 1.29 -18.97 -20.14
C5 RIB Q . 1.89 -19.96 -20.98
C4 RIB Q . 2.28 -21.16 -20.12
O4 RIB Q . 1.12 -21.92 -19.83
C3 RIB Q . 3.25 -22.14 -20.78
O3 RIB Q . 4.62 -21.80 -20.54
C2 RIB Q . 2.86 -23.50 -20.20
O2 RIB Q . 3.90 -24.00 -19.35
C1 RIB Q . 1.54 -23.22 -19.44
O1 RIB Q . 1.76 -23.22 -18.03
AL ALF R . -10.54 -5.85 -1.14
F1 ALF R . -9.83 -7.33 -0.37
F2 ALF R . -11.27 -4.37 -1.86
F3 ALF R . -9.20 -5.80 -2.38
F4 ALF R . -11.90 -5.92 0.05
MG MG S . 6.43 -14.29 -27.71
PB ADP T . -3.11 -13.90 -22.33
O1B ADP T . -1.83 -14.10 -23.08
O2B ADP T . -4.43 -14.54 -23.06
O3B ADP T . -3.01 -14.48 -20.93
PA ADP T . -3.98 -11.40 -23.40
O1A ADP T . -4.11 -12.12 -24.70
O2A ADP T . -5.30 -10.85 -22.96
O3A ADP T . -3.42 -12.39 -22.32
O5' ADP T . -2.85 -10.29 -23.43
C5' ADP T . -2.08 -10.04 -22.24
C4' ADP T . -1.16 -8.88 -22.50
O4' ADP T . -0.10 -9.23 -23.40
C3' ADP T . -1.82 -7.62 -23.07
O3' ADP T . -2.21 -6.70 -22.04
C2' ADP T . -0.79 -7.02 -24.00
O2' ADP T . 0.02 -6.02 -23.36
C1' ADP T . -0.01 -8.23 -24.47
N9 ADP T . -0.48 -8.76 -25.83
C8 ADP T . -1.17 -9.89 -26.04
N7 ADP T . -1.39 -10.04 -27.35
C5 ADP T . -0.86 -9.03 -27.99
C6 ADP T . -0.75 -8.62 -29.33
N6 ADP T . -1.29 -9.36 -30.31
N1 ADP T . -0.09 -7.46 -29.65
C2 ADP T . 0.47 -6.67 -28.69
N3 ADP T . 0.36 -7.06 -27.40
C4 ADP T . -0.27 -8.20 -27.01
#